data_4ZP3
#
_entry.id   4ZP3
#
_cell.length_a   56.922
_cell.length_b   120.988
_cell.length_c   57.123
_cell.angle_alpha   90.00
_cell.angle_beta   93.01
_cell.angle_gamma   90.00
#
_symmetry.space_group_name_H-M   'P 1 21 1'
#
loop_
_entity.id
_entity.type
_entity.pdbx_description
1 polymer 'cAMP-dependent protein kinase type II-alpha regulatory subunit'
2 polymer 'A-kinase anchor protein 7 isoforms alpha and beta'
3 non-polymer 'CADMIUM ION'
4 water water
#
loop_
_entity_poly.entity_id
_entity_poly.type
_entity_poly.pdbx_seq_one_letter_code
_entity_poly.pdbx_strand_id
1 'polypeptide(L)' SHIQIPPGLTELLQGYTVEVLRQQPPDLVEFAVEYFTRLREAR A,B,C,D,E,F,G,H,I,J,K,L
2 'polypeptide(L)' NGGEPDDAELVRLSKRLVENAVLKAVQQYLEETQNKNKPG M,N,O,P,Q,R
#
loop_
_chem_comp.id
_chem_comp.type
_chem_comp.name
_chem_comp.formula
CD non-polymer 'CADMIUM ION' 'Cd 2'
#
# COMPACT_ATOMS: atom_id res chain seq x y z
N SER A 1 -20.46 0.21 -23.44
CA SER A 1 -19.38 -0.62 -22.83
C SER A 1 -18.07 0.19 -22.75
N HIS A 2 -17.91 0.93 -21.65
CA HIS A 2 -16.74 1.77 -21.47
C HIS A 2 -16.07 1.47 -20.14
N ILE A 3 -14.75 1.39 -20.18
CA ILE A 3 -13.92 1.19 -18.99
C ILE A 3 -12.85 2.25 -18.97
N GLN A 4 -12.02 2.24 -17.93
CA GLN A 4 -10.82 3.05 -17.93
C GLN A 4 -9.73 2.42 -17.07
N ILE A 5 -8.54 3.02 -17.14
CA ILE A 5 -7.35 2.56 -16.42
C ILE A 5 -7.01 3.63 -15.39
N PRO A 6 -6.42 3.25 -14.23
CA PRO A 6 -6.08 4.32 -13.29
C PRO A 6 -5.10 5.29 -13.92
N PRO A 7 -5.06 6.53 -13.40
CA PRO A 7 -4.01 7.45 -13.72
C PRO A 7 -2.72 6.92 -13.20
N GLY A 8 -1.65 7.19 -13.92
CA GLY A 8 -0.35 6.71 -13.53
C GLY A 8 0.08 5.57 -14.42
N LEU A 9 -0.85 4.72 -14.81
CA LEU A 9 -0.53 3.55 -15.62
C LEU A 9 0.34 3.89 -16.83
N THR A 10 -0.15 4.75 -17.71
CA THR A 10 0.56 5.00 -18.97
C THR A 10 1.92 5.64 -18.70
N GLU A 11 1.99 6.54 -17.73
CA GLU A 11 3.26 7.18 -17.35
C GLU A 11 4.18 6.20 -16.66
N LEU A 12 3.61 5.33 -15.83
CA LEU A 12 4.36 4.25 -15.21
C LEU A 12 5.06 3.44 -16.31
N LEU A 13 4.30 2.99 -17.31
CA LEU A 13 4.86 2.20 -18.42
C LEU A 13 5.79 3.02 -19.32
N GLN A 14 5.44 4.28 -19.55
CA GLN A 14 6.33 5.17 -20.30
C GLN A 14 7.73 5.18 -19.70
N GLY A 15 7.81 5.34 -18.38
CA GLY A 15 9.09 5.36 -17.70
C GLY A 15 9.86 4.06 -17.88
N TYR A 16 9.17 2.94 -17.72
CA TYR A 16 9.75 1.63 -18.00
C TYR A 16 10.19 1.54 -19.43
N THR A 17 9.29 1.90 -20.35
CA THR A 17 9.55 1.81 -21.78
C THR A 17 10.77 2.66 -22.18
N VAL A 18 10.87 3.87 -21.63
CA VAL A 18 11.99 4.76 -21.94
C VAL A 18 13.32 4.10 -21.58
N GLU A 19 13.46 3.66 -20.34
CA GLU A 19 14.70 3.00 -19.89
C GLU A 19 15.05 1.72 -20.68
N VAL A 20 14.03 0.99 -21.15
CA VAL A 20 14.26 -0.18 -22.00
C VAL A 20 15.01 0.24 -23.26
N LEU A 21 14.51 1.28 -23.91
CA LEU A 21 15.10 1.79 -25.13
C LEU A 21 16.52 2.32 -24.92
N ARG A 22 16.74 3.03 -23.82
CA ARG A 22 18.06 3.60 -23.52
C ARG A 22 19.09 2.50 -23.28
N GLN A 23 18.75 1.57 -22.40
CA GLN A 23 19.69 0.57 -21.94
C GLN A 23 19.76 -0.68 -22.82
N GLN A 24 18.68 -0.95 -23.56
CA GLN A 24 18.59 -2.15 -24.41
C GLN A 24 18.99 -3.40 -23.61
N PRO A 25 18.17 -3.79 -22.62
CA PRO A 25 18.49 -4.97 -21.81
C PRO A 25 18.26 -6.25 -22.59
N PRO A 26 19.00 -7.33 -22.27
CA PRO A 26 18.84 -8.60 -22.98
C PRO A 26 17.57 -9.34 -22.60
N ASP A 27 17.12 -9.17 -21.35
CA ASP A 27 15.92 -9.82 -20.86
C ASP A 27 14.94 -8.76 -20.34
N LEU A 28 13.88 -8.51 -21.11
CA LEU A 28 12.89 -7.47 -20.82
C LEU A 28 12.05 -7.73 -19.57
N VAL A 29 11.76 -8.98 -19.28
CA VAL A 29 10.96 -9.31 -18.17
C VAL A 29 11.71 -9.16 -16.87
N GLU A 30 12.97 -9.47 -16.85
CA GLU A 30 13.71 -9.33 -15.66
C GLU A 30 14.16 -7.91 -15.46
N PHE A 31 14.32 -7.19 -16.53
CA PHE A 31 14.56 -5.81 -16.40
C PHE A 31 13.42 -5.09 -15.77
N ALA A 32 12.24 -5.58 -16.02
CA ALA A 32 11.01 -5.01 -15.47
C ALA A 32 10.98 -5.18 -13.95
N VAL A 33 11.25 -6.39 -13.50
CA VAL A 33 11.28 -6.67 -12.06
C VAL A 33 12.26 -5.71 -11.40
N GLU A 34 13.48 -5.61 -11.95
CA GLU A 34 14.51 -4.69 -11.46
C GLU A 34 14.05 -3.23 -11.48
N TYR A 35 13.56 -2.79 -12.64
CA TYR A 35 13.16 -1.40 -12.81
C TYR A 35 12.08 -1.04 -11.80
N PHE A 36 11.01 -1.84 -11.78
CA PHE A 36 9.88 -1.60 -10.88
C PHE A 36 10.23 -1.82 -9.41
N THR A 37 11.15 -2.73 -9.11
CA THR A 37 11.60 -2.92 -7.72
C THR A 37 12.16 -1.62 -7.16
N ARG A 38 13.05 -0.99 -7.92
CA ARG A 38 13.60 0.32 -7.56
C ARG A 38 12.52 1.34 -7.23
N LEU A 39 11.49 1.41 -8.07
CA LEU A 39 10.34 2.29 -7.82
C LEU A 39 9.71 1.98 -6.47
N ARG A 40 9.36 0.72 -6.27
CA ARG A 40 8.81 0.26 -4.99
C ARG A 40 9.74 0.63 -3.85
N GLU A 41 11.03 0.34 -4.02
CA GLU A 41 12.01 0.56 -2.96
C GLU A 41 12.32 2.04 -2.72
N ALA A 42 12.13 2.88 -3.73
CA ALA A 42 12.38 4.31 -3.60
C ALA A 42 11.26 4.98 -2.81
N ARG A 43 11.40 5.02 -1.49
CA ARG A 43 10.49 5.80 -0.68
C ARG A 43 11.05 6.12 0.71
N ILE B 5 13.44 -1.18 -31.68
CA ILE B 5 12.34 -1.62 -30.78
C ILE B 5 12.48 -3.11 -30.42
N PRO B 6 12.78 -3.42 -29.15
CA PRO B 6 12.92 -4.82 -28.71
C PRO B 6 11.69 -5.69 -28.98
N PRO B 7 11.92 -6.93 -29.48
CA PRO B 7 10.82 -7.90 -29.60
C PRO B 7 10.23 -8.25 -28.25
N GLY B 8 8.90 -8.35 -28.19
CA GLY B 8 8.22 -8.71 -26.95
C GLY B 8 7.82 -7.54 -26.08
N LEU B 9 8.15 -6.32 -26.49
CA LEU B 9 7.85 -5.14 -25.70
C LEU B 9 6.35 -4.86 -25.66
N THR B 10 5.74 -4.64 -26.83
CA THR B 10 4.31 -4.28 -26.90
C THR B 10 3.48 -5.32 -26.16
N GLU B 11 3.67 -6.60 -26.50
CA GLU B 11 3.00 -7.71 -25.83
C GLU B 11 3.09 -7.57 -24.30
N LEU B 12 4.30 -7.36 -23.81
CA LEU B 12 4.58 -7.18 -22.37
C LEU B 12 3.74 -6.06 -21.74
N LEU B 13 3.79 -4.88 -22.37
CA LEU B 13 3.10 -3.69 -21.85
C LEU B 13 1.60 -3.90 -21.80
N GLN B 14 1.08 -4.56 -22.82
CA GLN B 14 -0.32 -4.88 -22.94
C GLN B 14 -0.78 -5.86 -21.88
N GLY B 15 -0.05 -6.96 -21.74
CA GLY B 15 -0.34 -8.00 -20.75
C GLY B 15 -0.50 -7.45 -19.35
N TYR B 16 0.42 -6.58 -18.95
CA TYR B 16 0.38 -5.93 -17.66
C TYR B 16 -0.93 -5.15 -17.53
N THR B 17 -1.14 -4.23 -18.47
CA THR B 17 -2.33 -3.38 -18.47
C THR B 17 -3.61 -4.20 -18.37
N VAL B 18 -3.70 -5.29 -19.14
CA VAL B 18 -4.88 -6.16 -19.09
C VAL B 18 -5.10 -6.75 -17.69
N GLU B 19 -4.02 -7.16 -17.03
CA GLU B 19 -4.12 -7.67 -15.67
C GLU B 19 -4.51 -6.58 -14.66
N VAL B 20 -4.02 -5.37 -14.88
CA VAL B 20 -4.43 -4.23 -14.08
C VAL B 20 -5.94 -4.03 -14.23
N LEU B 21 -6.44 -4.18 -15.46
CA LEU B 21 -7.89 -4.08 -15.73
C LEU B 21 -8.70 -5.20 -15.08
N ARG B 22 -8.19 -6.43 -15.16
CA ARG B 22 -8.90 -7.56 -14.54
C ARG B 22 -8.94 -7.44 -13.02
N GLN B 23 -7.80 -7.17 -12.40
CA GLN B 23 -7.65 -7.31 -10.94
C GLN B 23 -7.80 -6.03 -10.14
N GLN B 24 -7.73 -4.88 -10.81
CA GLN B 24 -7.81 -3.57 -10.14
C GLN B 24 -6.94 -3.51 -8.87
N PRO B 25 -5.61 -3.61 -9.04
CA PRO B 25 -4.74 -3.49 -7.87
C PRO B 25 -4.70 -2.06 -7.35
N PRO B 26 -4.51 -1.91 -6.02
CA PRO B 26 -4.37 -0.62 -5.38
C PRO B 26 -3.01 0.06 -5.64
N ASP B 27 -1.95 -0.72 -5.78
CA ASP B 27 -0.60 -0.17 -6.00
C ASP B 27 -0.05 -0.77 -7.27
N LEU B 28 0.07 0.08 -8.29
CA LEU B 28 0.41 -0.32 -9.65
C LEU B 28 1.88 -0.75 -9.75
N VAL B 29 2.71 -0.14 -8.94
CA VAL B 29 4.10 -0.34 -8.95
C VAL B 29 4.40 -1.65 -8.31
N GLU B 30 3.66 -1.97 -7.30
CA GLU B 30 3.92 -3.16 -6.62
C GLU B 30 3.29 -4.36 -7.23
N PHE B 31 2.17 -4.16 -7.85
CA PHE B 31 1.59 -5.09 -8.70
C PHE B 31 2.47 -5.37 -9.93
N ALA B 32 3.22 -4.43 -10.39
CA ALA B 32 4.11 -4.62 -11.52
C ALA B 32 5.23 -5.57 -11.16
N VAL B 33 5.85 -5.34 -10.00
CA VAL B 33 6.88 -6.23 -9.49
C VAL B 33 6.36 -7.66 -9.51
N GLU B 34 5.17 -7.86 -8.96
CA GLU B 34 4.56 -9.18 -8.87
C GLU B 34 4.18 -9.77 -10.22
N TYR B 35 3.57 -8.96 -11.08
CA TYR B 35 3.13 -9.44 -12.38
C TYR B 35 4.33 -9.89 -13.22
N PHE B 36 5.37 -9.06 -13.26
CA PHE B 36 6.58 -9.39 -14.02
C PHE B 36 7.42 -10.49 -13.35
N THR B 37 7.40 -10.55 -12.02
CA THR B 37 8.02 -11.67 -11.31
C THR B 37 7.33 -13.01 -11.68
N ARG B 38 6.00 -13.01 -11.66
CA ARG B 38 5.25 -14.20 -12.07
C ARG B 38 5.53 -14.60 -13.49
N LEU B 39 5.75 -13.60 -14.35
CA LEU B 39 6.03 -13.86 -15.76
C LEU B 39 7.38 -14.54 -15.90
N ARG B 40 8.40 -14.04 -15.20
CA ARG B 40 9.75 -14.60 -15.34
C ARG B 40 9.79 -16.04 -14.77
N GLU B 41 9.09 -16.27 -13.66
CA GLU B 41 9.07 -17.58 -13.00
C GLU B 41 8.11 -18.59 -13.63
N ALA B 42 7.26 -18.13 -14.55
CA ALA B 42 6.23 -18.99 -15.15
C ALA B 42 6.74 -20.04 -16.14
N ARG B 43 8.05 -20.06 -16.38
CA ARG B 43 8.65 -20.97 -17.36
C ARG B 43 9.52 -22.03 -16.68
N ILE C 5 0.61 -32.02 -7.90
CA ILE C 5 1.93 -31.54 -7.39
C ILE C 5 1.89 -30.46 -6.29
N PRO C 6 0.72 -29.79 -6.02
CA PRO C 6 0.92 -28.81 -4.96
C PRO C 6 1.00 -29.51 -3.61
N PRO C 7 2.08 -29.26 -2.87
CA PRO C 7 2.06 -29.70 -1.49
C PRO C 7 1.13 -28.79 -0.71
N GLY C 8 0.54 -29.36 0.33
CA GLY C 8 -0.48 -28.69 1.10
C GLY C 8 -0.02 -27.42 1.76
N LEU C 9 -1.00 -26.67 2.24
CA LEU C 9 -0.78 -25.53 3.09
C LEU C 9 0.10 -25.90 4.29
N THR C 10 -0.28 -26.92 5.06
CA THR C 10 0.45 -27.24 6.30
C THR C 10 1.85 -27.83 6.03
N GLU C 11 1.99 -28.57 4.93
CA GLU C 11 3.29 -29.07 4.51
C GLU C 11 4.18 -27.84 4.34
N LEU C 12 3.72 -26.97 3.46
CA LEU C 12 4.39 -25.72 3.14
C LEU C 12 4.81 -24.95 4.38
N LEU C 13 3.87 -24.75 5.30
CA LEU C 13 4.13 -23.97 6.49
C LEU C 13 4.98 -24.70 7.52
N GLN C 14 4.99 -26.03 7.48
CA GLN C 14 5.80 -26.80 8.43
C GLN C 14 7.28 -26.76 8.09
N GLY C 15 7.59 -26.79 6.80
CA GLY C 15 8.97 -26.66 6.33
C GLY C 15 9.53 -25.33 6.77
N TYR C 16 8.79 -24.26 6.52
CA TYR C 16 9.17 -22.91 6.96
C TYR C 16 9.36 -22.86 8.48
N THR C 17 8.39 -23.41 9.22
CA THR C 17 8.39 -23.40 10.68
C THR C 17 9.58 -24.16 11.29
N VAL C 18 9.89 -25.33 10.73
CA VAL C 18 11.03 -26.13 11.20
C VAL C 18 12.34 -25.34 11.02
N GLU C 19 12.47 -24.68 9.87
CA GLU C 19 13.67 -23.88 9.61
C GLU C 19 13.76 -22.69 10.55
N VAL C 20 12.64 -22.00 10.73
CA VAL C 20 12.57 -20.93 11.70
C VAL C 20 13.12 -21.43 13.04
N LEU C 21 12.68 -22.61 13.47
CA LEU C 21 13.07 -23.17 14.75
C LEU C 21 14.54 -23.62 14.79
N ARG C 22 15.04 -24.18 13.68
CA ARG C 22 16.46 -24.53 13.58
C ARG C 22 17.31 -23.28 13.62
N GLN C 23 17.05 -22.37 12.69
CA GLN C 23 17.98 -21.29 12.39
C GLN C 23 17.76 -20.02 13.19
N GLN C 24 16.70 -19.97 13.99
CA GLN C 24 16.44 -18.81 14.86
C GLN C 24 16.77 -17.50 14.14
N PRO C 25 16.10 -17.23 13.02
CA PRO C 25 16.38 -15.97 12.34
C PRO C 25 15.88 -14.80 13.18
N PRO C 26 16.61 -13.68 13.17
CA PRO C 26 16.19 -12.52 13.95
C PRO C 26 14.98 -11.83 13.33
N ASP C 27 14.79 -11.99 12.02
CA ASP C 27 13.69 -11.37 11.29
C ASP C 27 12.90 -12.44 10.57
N LEU C 28 11.70 -12.73 11.07
CA LEU C 28 10.88 -13.84 10.58
C LEU C 28 10.26 -13.53 9.22
N VAL C 29 9.88 -12.31 9.01
CA VAL C 29 9.26 -11.93 7.81
C VAL C 29 10.20 -12.08 6.66
N GLU C 30 11.40 -11.68 6.87
CA GLU C 30 12.42 -11.74 5.89
C GLU C 30 12.98 -13.12 5.65
N PHE C 31 13.07 -13.96 6.66
CA PHE C 31 13.44 -15.32 6.49
C PHE C 31 12.40 -16.01 5.68
N ALA C 32 11.16 -15.63 5.81
CA ALA C 32 10.06 -16.22 5.06
C ALA C 32 10.22 -15.94 3.58
N VAL C 33 10.41 -14.67 3.23
CA VAL C 33 10.61 -14.25 1.85
C VAL C 33 11.75 -15.06 1.23
N GLU C 34 12.87 -15.13 1.95
CA GLU C 34 14.03 -15.89 1.52
C GLU C 34 13.69 -17.38 1.39
N TYR C 35 13.04 -17.92 2.41
CA TYR C 35 12.71 -19.35 2.45
C TYR C 35 11.77 -19.76 1.31
N PHE C 36 10.71 -18.99 1.10
CA PHE C 36 9.71 -19.29 0.07
C PHE C 36 10.20 -18.99 -1.36
N THR C 37 11.17 -18.09 -1.49
CA THR C 37 11.81 -17.81 -2.78
C THR C 37 12.56 -19.04 -3.26
N ARG C 38 13.43 -19.56 -2.39
CA ARG C 38 14.14 -20.81 -2.64
C ARG C 38 13.19 -21.96 -2.96
N LEU C 39 12.08 -22.05 -2.24
CA LEU C 39 11.08 -23.09 -2.50
C LEU C 39 10.50 -22.96 -3.91
N ARG C 40 10.23 -21.74 -4.35
CA ARG C 40 9.77 -21.47 -5.72
C ARG C 40 10.87 -21.74 -6.72
N GLU C 41 12.06 -21.20 -6.47
CA GLU C 41 13.19 -21.44 -7.37
C GLU C 41 13.41 -22.94 -7.53
N ALA C 42 13.49 -23.65 -6.40
CA ALA C 42 13.83 -25.09 -6.40
C ALA C 42 12.85 -25.97 -7.17
N ARG C 43 11.76 -25.41 -7.67
CA ARG C 43 11.02 -26.05 -8.76
C ARG C 43 11.94 -26.14 -9.99
N ILE D 3 14.30 -25.57 22.75
CA ILE D 3 13.98 -24.94 21.42
C ILE D 3 13.25 -23.61 21.58
N GLN D 4 13.94 -22.51 21.29
CA GLN D 4 13.31 -21.20 21.30
C GLN D 4 12.21 -21.13 20.24
N ILE D 5 11.02 -20.70 20.67
CA ILE D 5 9.94 -20.40 19.74
C ILE D 5 9.93 -18.87 19.57
N PRO D 6 10.25 -18.39 18.36
CA PRO D 6 10.33 -16.94 18.17
C PRO D 6 8.99 -16.22 18.31
N PRO D 7 8.99 -14.99 18.86
CA PRO D 7 7.77 -14.19 18.95
C PRO D 7 7.29 -13.77 17.58
N GLY D 8 5.97 -13.74 17.39
CA GLY D 8 5.36 -13.36 16.12
C GLY D 8 5.14 -14.50 15.14
N LEU D 9 5.72 -15.67 15.40
CA LEU D 9 5.60 -16.80 14.47
C LEU D 9 4.16 -17.23 14.23
N THR D 10 3.40 -17.42 15.30
CA THR D 10 1.99 -17.80 15.18
C THR D 10 1.19 -16.77 14.40
N GLU D 11 1.41 -15.50 14.74
CA GLU D 11 0.71 -14.39 14.09
C GLU D 11 1.02 -14.38 12.59
N LEU D 12 2.29 -14.60 12.27
CA LEU D 12 2.75 -14.72 10.90
C LEU D 12 2.05 -15.84 10.13
N LEU D 13 2.11 -17.05 10.67
CA LEU D 13 1.49 -18.20 10.05
C LEU D 13 -0.02 -18.02 9.93
N GLN D 14 -0.62 -17.39 10.94
CA GLN D 14 -2.05 -17.15 10.92
C GLN D 14 -2.44 -16.17 9.82
N GLY D 15 -1.74 -15.04 9.76
CA GLY D 15 -2.03 -13.98 8.78
C GLY D 15 -1.96 -14.51 7.36
N TYR D 16 -0.88 -15.22 7.06
CA TYR D 16 -0.72 -15.84 5.75
C TYR D 16 -1.95 -16.69 5.41
N THR D 17 -2.28 -17.63 6.30
CA THR D 17 -3.43 -18.54 6.10
C THR D 17 -4.75 -17.79 5.95
N VAL D 18 -4.96 -16.72 6.73
CA VAL D 18 -6.18 -15.90 6.57
C VAL D 18 -6.24 -15.34 5.15
N GLU D 19 -5.15 -14.72 4.70
CA GLU D 19 -5.12 -14.15 3.34
C GLU D 19 -5.27 -15.20 2.24
N VAL D 20 -4.80 -16.42 2.49
CA VAL D 20 -5.00 -17.52 1.55
C VAL D 20 -6.47 -17.88 1.42
N LEU D 21 -7.18 -17.90 2.54
CA LEU D 21 -8.61 -18.18 2.54
C LEU D 21 -9.41 -17.06 1.83
N ARG D 22 -9.06 -15.81 2.11
CA ARG D 22 -9.72 -14.67 1.49
C ARG D 22 -9.55 -14.65 -0.05
N GLN D 23 -8.35 -14.94 -0.52
CA GLN D 23 -8.00 -14.73 -1.94
C GLN D 23 -7.92 -16.02 -2.75
N GLN D 24 -7.88 -17.16 -2.07
CA GLN D 24 -7.81 -18.48 -2.72
C GLN D 24 -6.88 -18.47 -3.94
N PRO D 25 -5.58 -18.23 -3.72
CA PRO D 25 -4.62 -18.10 -4.82
C PRO D 25 -4.30 -19.44 -5.47
N PRO D 26 -3.97 -19.42 -6.77
CA PRO D 26 -3.65 -20.66 -7.50
C PRO D 26 -2.32 -21.30 -7.08
N ASP D 27 -1.35 -20.49 -6.66
CA ASP D 27 -0.03 -20.97 -6.29
C ASP D 27 0.33 -20.48 -4.89
N LEU D 28 0.28 -21.40 -3.94
CA LEU D 28 0.53 -21.07 -2.54
C LEU D 28 1.94 -20.56 -2.31
N VAL D 29 2.90 -21.12 -3.00
CA VAL D 29 4.26 -20.74 -2.84
C VAL D 29 4.53 -19.41 -3.43
N GLU D 30 3.97 -19.12 -4.56
CA GLU D 30 4.20 -17.83 -5.06
C GLU D 30 3.47 -16.74 -4.30
N PHE D 31 2.28 -17.06 -3.79
CA PHE D 31 1.53 -16.19 -2.92
C PHE D 31 2.28 -15.85 -1.67
N ALA D 32 2.92 -16.82 -1.11
CA ALA D 32 3.76 -16.61 0.06
C ALA D 32 4.84 -15.55 -0.19
N VAL D 33 5.55 -15.65 -1.32
CA VAL D 33 6.61 -14.70 -1.62
C VAL D 33 6.01 -13.31 -1.71
N GLU D 34 4.91 -13.21 -2.44
CA GLU D 34 4.21 -11.95 -2.63
C GLU D 34 3.67 -11.38 -1.32
N TYR D 35 3.01 -12.21 -0.51
CA TYR D 35 2.45 -11.77 0.76
C TYR D 35 3.52 -11.26 1.71
N PHE D 36 4.52 -12.09 1.98
CA PHE D 36 5.57 -11.70 2.93
C PHE D 36 6.43 -10.50 2.48
N THR D 37 6.54 -10.29 1.16
CA THR D 37 7.26 -9.14 0.63
C THR D 37 6.45 -7.85 0.93
N ARG D 38 5.13 -7.91 0.71
CA ARG D 38 4.24 -6.83 1.17
C ARG D 38 4.43 -6.53 2.67
N LEU D 39 4.39 -7.56 3.52
CA LEU D 39 4.69 -7.39 4.96
C LEU D 39 6.05 -6.71 5.19
N ARG D 40 7.09 -7.25 4.57
CA ARG D 40 8.44 -6.67 4.68
C ARG D 40 8.44 -5.23 4.18
N GLU D 41 7.80 -5.00 3.04
CA GLU D 41 7.82 -3.68 2.41
C GLU D 41 6.83 -2.67 3.02
N ALA D 42 5.87 -3.17 3.79
CA ALA D 42 4.79 -2.32 4.34
C ALA D 42 5.22 -1.60 5.60
N ARG D 43 6.47 -1.18 5.68
CA ARG D 43 6.92 -0.42 6.83
C ARG D 43 8.15 0.43 6.53
N ILE E 5 -11.82 -5.01 -1.76
CA ILE E 5 -10.41 -4.68 -2.17
C ILE E 5 -10.02 -3.19 -1.98
N PRO E 6 -10.55 -2.51 -0.92
CA PRO E 6 -10.28 -1.07 -0.91
C PRO E 6 -8.81 -0.75 -0.58
N PRO E 7 -8.18 0.12 -1.37
CA PRO E 7 -6.83 0.57 -1.12
C PRO E 7 -6.78 1.58 0.00
N GLY E 8 -5.67 1.57 0.73
CA GLY E 8 -5.51 2.44 1.86
C GLY E 8 -5.47 3.90 1.49
N LEU E 9 -5.50 4.72 2.54
CA LEU E 9 -5.34 6.15 2.42
C LEU E 9 -4.04 6.52 1.72
N THR E 10 -2.93 6.01 2.22
CA THR E 10 -1.62 6.44 1.76
C THR E 10 -1.44 6.08 0.31
N GLU E 11 -1.77 4.85 -0.06
CA GLU E 11 -1.77 4.42 -1.47
C GLU E 11 -2.49 5.44 -2.32
N LEU E 12 -3.74 5.70 -1.94
CA LEU E 12 -4.63 6.56 -2.70
C LEU E 12 -4.09 7.95 -2.91
N LEU E 13 -3.53 8.55 -1.85
CA LEU E 13 -2.98 9.89 -1.92
C LEU E 13 -1.63 9.93 -2.63
N GLN E 14 -0.80 8.93 -2.39
CA GLN E 14 0.43 8.73 -3.17
C GLN E 14 0.19 8.70 -4.68
N GLY E 15 -0.83 7.95 -5.11
CA GLY E 15 -1.16 7.84 -6.53
C GLY E 15 -1.52 9.18 -7.15
N TYR E 16 -2.39 9.93 -6.47
CA TYR E 16 -2.76 11.29 -6.86
C TYR E 16 -1.55 12.22 -6.85
N THR E 17 -0.79 12.18 -5.75
CA THR E 17 0.37 13.06 -5.52
C THR E 17 1.48 12.85 -6.54
N VAL E 18 1.80 11.58 -6.84
CA VAL E 18 2.77 11.23 -7.90
C VAL E 18 2.41 11.87 -9.25
N GLU E 19 1.14 11.82 -9.62
CA GLU E 19 0.68 12.45 -10.88
C GLU E 19 0.63 13.98 -10.80
N VAL E 20 0.40 14.53 -9.61
CA VAL E 20 0.49 15.99 -9.44
C VAL E 20 1.94 16.47 -9.66
N LEU E 21 2.91 15.67 -9.25
CA LEU E 21 4.31 16.05 -9.44
C LEU E 21 4.69 15.90 -10.91
N ARG E 22 4.44 14.73 -11.48
CA ARG E 22 4.60 14.48 -12.91
C ARG E 22 4.05 15.61 -13.80
N GLN E 23 2.75 15.87 -13.69
CA GLN E 23 2.03 16.66 -14.68
C GLN E 23 1.92 18.15 -14.40
N GLN E 24 2.39 18.57 -13.23
CA GLN E 24 2.33 19.98 -12.80
C GLN E 24 1.02 20.68 -13.23
N PRO E 25 -0.12 20.23 -12.66
CA PRO E 25 -1.38 20.89 -12.97
C PRO E 25 -1.46 22.26 -12.29
N PRO E 26 -2.00 23.27 -12.99
CA PRO E 26 -2.16 24.59 -12.41
C PRO E 26 -3.32 24.68 -11.38
N ASP E 27 -4.31 23.81 -11.52
CA ASP E 27 -5.39 23.69 -10.53
C ASP E 27 -5.43 22.28 -9.92
N LEU E 28 -4.96 22.19 -8.68
CA LEU E 28 -4.89 20.91 -7.95
C LEU E 28 -6.27 20.35 -7.60
N VAL E 29 -7.22 21.22 -7.33
CA VAL E 29 -8.52 20.80 -6.91
C VAL E 29 -9.36 20.21 -8.01
N GLU E 30 -9.27 20.78 -9.19
CA GLU E 30 -9.90 20.22 -10.32
C GLU E 30 -9.16 18.98 -10.78
N PHE E 31 -7.86 18.96 -10.65
CA PHE E 31 -7.11 17.80 -10.93
C PHE E 31 -7.42 16.61 -10.02
N ALA E 32 -7.75 16.85 -8.78
CA ALA E 32 -8.17 15.79 -7.86
C ALA E 32 -9.49 15.20 -8.33
N VAL E 33 -10.46 16.07 -8.60
CA VAL E 33 -11.76 15.63 -9.12
C VAL E 33 -11.56 14.75 -10.32
N GLU E 34 -10.72 15.19 -11.26
CA GLU E 34 -10.40 14.39 -12.46
C GLU E 34 -9.75 13.07 -12.10
N TYR E 35 -8.74 13.14 -11.24
CA TYR E 35 -7.97 11.96 -10.88
C TYR E 35 -8.82 10.89 -10.18
N PHE E 36 -9.61 11.30 -9.21
CA PHE E 36 -10.37 10.36 -8.40
C PHE E 36 -11.61 9.85 -9.12
N THR E 37 -12.07 10.62 -10.11
CA THR E 37 -13.16 10.17 -11.00
C THR E 37 -12.67 9.02 -11.87
N ARG E 38 -11.49 9.19 -12.47
CA ARG E 38 -10.87 8.10 -13.22
C ARG E 38 -10.84 6.82 -12.40
N LEU E 39 -10.32 6.92 -11.19
CA LEU E 39 -10.24 5.77 -10.27
C LEU E 39 -11.63 5.16 -10.00
N ARG E 40 -12.62 6.01 -9.80
CA ARG E 40 -14.02 5.56 -9.66
C ARG E 40 -14.54 4.96 -10.97
N GLU E 41 -14.17 5.56 -12.10
CA GLU E 41 -14.60 5.09 -13.42
C GLU E 41 -13.75 3.94 -13.98
N ALA E 42 -12.64 3.63 -13.32
CA ALA E 42 -11.82 2.47 -13.69
C ALA E 42 -12.31 1.22 -12.97
N ARG E 43 -13.45 1.36 -12.28
CA ARG E 43 -14.09 0.26 -11.59
C ARG E 43 -15.12 -0.38 -12.52
N ILE F 3 12.54 18.36 -8.72
CA ILE F 3 11.24 18.61 -9.41
C ILE F 3 10.34 19.50 -8.55
N GLN F 4 9.43 20.23 -9.20
CA GLN F 4 8.61 21.23 -8.53
C GLN F 4 7.51 20.63 -7.64
N ILE F 5 7.42 21.14 -6.41
CA ILE F 5 6.35 20.80 -5.48
C ILE F 5 5.34 21.95 -5.51
N PRO F 6 4.13 21.72 -6.06
CA PRO F 6 3.13 22.79 -6.11
C PRO F 6 2.76 23.33 -4.73
N PRO F 7 2.60 24.66 -4.61
CA PRO F 7 2.10 25.23 -3.37
C PRO F 7 0.64 24.88 -3.17
N GLY F 8 0.28 24.55 -1.94
CA GLY F 8 -1.08 24.15 -1.61
C GLY F 8 -1.31 22.65 -1.69
N LEU F 9 -0.28 21.88 -2.01
CA LEU F 9 -0.42 20.44 -2.13
C LEU F 9 -0.59 19.79 -0.76
N THR F 10 0.32 20.07 0.17
CA THR F 10 0.27 19.50 1.54
C THR F 10 -1.04 19.85 2.24
N GLU F 11 -1.44 21.11 2.14
CA GLU F 11 -2.71 21.57 2.72
C GLU F 11 -3.89 20.75 2.18
N LEU F 12 -3.84 20.47 0.89
CA LEU F 12 -4.93 19.76 0.21
C LEU F 12 -5.02 18.32 0.71
N LEU F 13 -3.88 17.64 0.73
CA LEU F 13 -3.81 16.29 1.26
C LEU F 13 -4.25 16.25 2.72
N GLN F 14 -3.83 17.24 3.49
CA GLN F 14 -4.15 17.30 4.91
C GLN F 14 -5.65 17.47 5.14
N GLY F 15 -6.25 18.36 4.36
CA GLY F 15 -7.66 18.66 4.49
C GLY F 15 -8.56 17.50 4.12
N TYR F 16 -8.17 16.74 3.12
CA TYR F 16 -8.91 15.53 2.76
C TYR F 16 -8.83 14.53 3.92
N THR F 17 -7.62 14.31 4.42
CA THR F 17 -7.39 13.30 5.46
C THR F 17 -8.21 13.56 6.73
N VAL F 18 -8.23 14.82 7.16
CA VAL F 18 -9.00 15.20 8.36
C VAL F 18 -10.48 14.92 8.18
N GLU F 19 -11.03 15.23 7.01
CA GLU F 19 -12.41 14.92 6.70
C GLU F 19 -12.69 13.41 6.70
N VAL F 20 -11.72 12.64 6.26
CA VAL F 20 -11.84 11.19 6.29
C VAL F 20 -11.88 10.73 7.74
N LEU F 21 -11.02 11.31 8.58
CA LEU F 21 -10.97 10.97 10.01
C LEU F 21 -12.29 11.28 10.74
N ARG F 22 -12.81 12.49 10.52
CA ARG F 22 -14.09 12.90 11.09
C ARG F 22 -15.22 11.97 10.64
N GLN F 23 -15.47 11.98 9.34
CA GLN F 23 -16.70 11.37 8.80
C GLN F 23 -16.63 9.86 8.60
N GLN F 24 -15.42 9.30 8.59
CA GLN F 24 -15.21 7.86 8.36
C GLN F 24 -16.10 7.28 7.24
N PRO F 25 -15.85 7.70 5.99
CA PRO F 25 -16.64 7.19 4.85
C PRO F 25 -16.27 5.75 4.46
N PRO F 26 -17.25 4.97 3.98
CA PRO F 26 -17.00 3.59 3.53
C PRO F 26 -16.13 3.51 2.27
N ASP F 27 -16.32 4.46 1.35
CA ASP F 27 -15.58 4.49 0.08
C ASP F 27 -14.71 5.75 0.00
N LEU F 28 -13.40 5.57 0.11
CA LEU F 28 -12.44 6.67 0.05
C LEU F 28 -12.35 7.36 -1.33
N VAL F 29 -12.62 6.60 -2.35
CA VAL F 29 -12.49 7.09 -3.67
C VAL F 29 -13.62 7.99 -4.05
N GLU F 30 -14.83 7.69 -3.69
CA GLU F 30 -15.83 8.57 -4.08
C GLU F 30 -16.02 9.70 -3.15
N PHE F 31 -15.58 9.55 -1.92
CA PHE F 31 -15.54 10.62 -0.97
C PHE F 31 -14.58 11.69 -1.46
N ALA F 32 -13.44 11.29 -1.97
CA ALA F 32 -12.52 12.24 -2.59
C ALA F 32 -13.23 13.00 -3.69
N VAL F 33 -13.87 12.28 -4.62
CA VAL F 33 -14.60 12.93 -5.70
C VAL F 33 -15.52 13.99 -5.11
N GLU F 34 -16.29 13.61 -4.11
CA GLU F 34 -17.24 14.53 -3.45
C GLU F 34 -16.56 15.70 -2.75
N TYR F 35 -15.59 15.40 -1.89
CA TYR F 35 -14.88 16.41 -1.09
C TYR F 35 -14.24 17.45 -2.00
N PHE F 36 -13.41 16.98 -2.92
CA PHE F 36 -12.74 17.85 -3.88
C PHE F 36 -13.71 18.58 -4.81
N THR F 37 -14.85 17.96 -5.13
CA THR F 37 -15.90 18.66 -5.90
C THR F 37 -16.58 19.76 -5.06
N ARG F 38 -16.67 19.57 -3.74
CA ARG F 38 -17.12 20.64 -2.85
C ARG F 38 -16.11 21.77 -2.76
N LEU F 39 -14.82 21.42 -2.68
CA LEU F 39 -13.74 22.43 -2.70
C LEU F 39 -13.77 23.26 -3.99
N ARG F 40 -13.96 22.61 -5.15
CA ARG F 40 -14.04 23.32 -6.42
C ARG F 40 -15.22 24.27 -6.48
N GLU F 41 -16.36 23.83 -5.98
CA GLU F 41 -17.61 24.59 -6.09
C GLU F 41 -17.75 25.65 -5.01
N ALA F 42 -16.85 25.62 -4.04
CA ALA F 42 -16.94 26.51 -2.88
C ALA F 42 -16.15 27.79 -3.11
N ARG F 43 -16.70 28.67 -3.94
CA ARG F 43 -16.15 30.01 -4.12
C ARG F 43 -17.26 31.00 -4.47
N HIS G 2 -40.90 14.04 16.46
CA HIS G 2 -41.40 14.79 15.27
C HIS G 2 -40.27 15.11 14.28
N ILE G 3 -40.57 14.96 13.00
CA ILE G 3 -39.58 15.07 11.94
C ILE G 3 -39.74 16.40 11.20
N GLN G 4 -38.63 17.07 10.96
CA GLN G 4 -38.65 18.38 10.32
C GLN G 4 -37.87 18.39 8.99
N ILE G 5 -38.42 19.14 8.03
CA ILE G 5 -37.99 19.16 6.65
C ILE G 5 -37.48 20.58 6.35
N PRO G 6 -36.24 20.75 5.81
CA PRO G 6 -35.86 22.14 5.53
C PRO G 6 -36.60 22.62 4.31
N PRO G 7 -36.79 23.94 4.21
CA PRO G 7 -37.54 24.49 3.10
C PRO G 7 -36.81 24.21 1.82
N GLY G 8 -37.56 24.14 0.73
CA GLY G 8 -36.98 23.93 -0.57
C GLY G 8 -36.81 22.47 -0.92
N LEU G 9 -37.09 21.56 0.02
CA LEU G 9 -37.05 20.15 -0.31
C LEU G 9 -38.10 19.87 -1.37
N THR G 10 -39.36 20.18 -1.07
CA THR G 10 -40.47 19.78 -1.94
C THR G 10 -40.42 20.50 -3.28
N GLU G 11 -40.05 21.78 -3.25
CA GLU G 11 -39.96 22.57 -4.47
C GLU G 11 -38.77 22.17 -5.31
N LEU G 12 -37.69 21.75 -4.64
CA LEU G 12 -36.53 21.17 -5.32
C LEU G 12 -36.97 19.95 -6.12
N LEU G 13 -37.71 19.06 -5.49
CA LEU G 13 -38.11 17.82 -6.15
C LEU G 13 -39.20 18.06 -7.20
N GLN G 14 -40.09 19.01 -6.94
CA GLN G 14 -41.11 19.37 -7.91
C GLN G 14 -40.51 19.82 -9.23
N GLY G 15 -39.44 20.61 -9.15
CA GLY G 15 -38.74 21.10 -10.35
C GLY G 15 -38.08 19.99 -11.13
N TYR G 16 -37.48 19.04 -10.43
CA TYR G 16 -36.90 17.86 -11.05
C TYR G 16 -38.01 17.04 -11.68
N THR G 17 -39.13 16.93 -10.96
CA THR G 17 -40.22 16.05 -11.36
C THR G 17 -40.95 16.61 -12.59
N VAL G 18 -41.16 17.92 -12.60
CA VAL G 18 -41.79 18.60 -13.74
C VAL G 18 -41.00 18.38 -15.04
N GLU G 19 -39.68 18.48 -14.97
CA GLU G 19 -38.85 18.30 -16.16
C GLU G 19 -38.85 16.85 -16.65
N VAL G 20 -38.80 15.89 -15.73
CA VAL G 20 -38.89 14.46 -16.05
C VAL G 20 -40.16 14.16 -16.85
N LEU G 21 -41.29 14.73 -16.45
CA LEU G 21 -42.54 14.56 -17.17
C LEU G 21 -42.51 15.24 -18.54
N ARG G 22 -41.94 16.44 -18.60
CA ARG G 22 -41.84 17.18 -19.86
C ARG G 22 -40.97 16.45 -20.87
N GLN G 23 -39.77 16.06 -20.45
CA GLN G 23 -38.76 15.50 -21.34
C GLN G 23 -38.76 13.97 -21.40
N GLN G 24 -39.46 13.32 -20.47
CA GLN G 24 -39.55 11.86 -20.45
C GLN G 24 -38.20 11.18 -20.74
N PRO G 25 -37.18 11.48 -19.92
CA PRO G 25 -35.84 10.91 -20.13
C PRO G 25 -35.81 9.39 -19.91
N PRO G 26 -34.91 8.69 -20.61
CA PRO G 26 -34.83 7.23 -20.51
C PRO G 26 -34.16 6.71 -19.24
N ASP G 27 -33.17 7.45 -18.72
CA ASP G 27 -32.49 7.08 -17.47
C ASP G 27 -32.77 8.15 -16.40
N LEU G 28 -33.71 7.86 -15.52
CA LEU G 28 -34.13 8.84 -14.49
C LEU G 28 -33.03 9.25 -13.53
N VAL G 29 -31.99 8.46 -13.41
CA VAL G 29 -30.99 8.70 -12.44
C VAL G 29 -29.91 9.56 -13.00
N GLU G 30 -29.51 9.35 -14.23
CA GLU G 30 -28.48 10.15 -14.77
C GLU G 30 -29.07 11.49 -15.12
N PHE G 31 -30.34 11.50 -15.37
CA PHE G 31 -31.04 12.71 -15.57
C PHE G 31 -31.09 13.55 -14.32
N ALA G 32 -31.15 12.92 -13.16
CA ALA G 32 -31.15 13.60 -11.85
C ALA G 32 -29.82 14.27 -11.59
N VAL G 33 -28.74 13.56 -11.94
CA VAL G 33 -27.39 14.11 -11.83
C VAL G 33 -27.24 15.33 -12.75
N GLU G 34 -27.79 15.21 -13.96
CA GLU G 34 -27.75 16.28 -14.94
C GLU G 34 -28.59 17.49 -14.54
N TYR G 35 -29.76 17.23 -13.96
CA TYR G 35 -30.67 18.31 -13.57
C TYR G 35 -30.08 19.10 -12.42
N PHE G 36 -29.75 18.41 -11.34
CA PHE G 36 -29.22 19.06 -10.13
C PHE G 36 -27.83 19.64 -10.36
N THR G 37 -26.99 19.01 -11.19
CA THR G 37 -25.69 19.60 -11.54
C THR G 37 -25.88 20.99 -12.15
N ARG G 38 -26.88 21.14 -13.00
CA ARG G 38 -27.21 22.46 -13.55
C ARG G 38 -27.61 23.45 -12.47
N LEU G 39 -28.41 23.03 -11.50
CA LEU G 39 -28.82 23.92 -10.41
C LEU G 39 -27.61 24.44 -9.64
N ARG G 40 -26.66 23.54 -9.40
CA ARG G 40 -25.42 23.87 -8.68
C ARG G 40 -24.55 24.83 -9.48
N GLU G 41 -24.53 24.66 -10.80
CA GLU G 41 -23.69 25.48 -11.68
C GLU G 41 -24.28 26.85 -11.93
N ALA G 42 -25.59 27.01 -11.69
CA ALA G 42 -26.23 28.32 -11.74
C ALA G 42 -25.80 29.18 -10.55
N ARG G 43 -25.64 28.53 -9.40
CA ARG G 43 -25.21 29.18 -8.16
C ARG G 43 -23.72 29.52 -8.21
N ILE H 3 -51.19 11.62 -18.14
CA ILE H 3 -49.97 11.39 -18.97
C ILE H 3 -49.01 10.39 -18.30
N GLN H 4 -48.03 9.94 -19.07
CA GLN H 4 -47.15 8.83 -18.66
C GLN H 4 -46.22 9.20 -17.51
N ILE H 5 -46.39 8.53 -16.37
CA ILE H 5 -45.55 8.72 -15.19
C ILE H 5 -44.47 7.64 -15.17
N PRO H 6 -43.18 8.04 -15.32
CA PRO H 6 -42.08 7.08 -15.42
C PRO H 6 -42.00 6.10 -14.26
N PRO H 7 -41.74 4.82 -14.56
CA PRO H 7 -41.51 3.85 -13.48
C PRO H 7 -40.26 4.20 -12.69
N GLY H 8 -40.30 4.01 -11.38
CA GLY H 8 -39.15 4.23 -10.51
C GLY H 8 -39.00 5.64 -9.95
N LEU H 9 -39.83 6.57 -10.42
CA LEU H 9 -39.75 7.98 -10.01
C LEU H 9 -40.03 8.20 -8.52
N THR H 10 -41.23 7.80 -8.08
CA THR H 10 -41.62 7.95 -6.67
C THR H 10 -40.61 7.28 -5.73
N GLU H 11 -40.00 6.19 -6.20
CA GLU H 11 -39.01 5.47 -5.42
C GLU H 11 -37.73 6.29 -5.25
N LEU H 12 -37.34 6.99 -6.32
CA LEU H 12 -36.19 7.93 -6.30
C LEU H 12 -36.40 9.09 -5.32
N LEU H 13 -37.49 9.82 -5.54
CA LEU H 13 -37.86 10.98 -4.72
C LEU H 13 -37.94 10.66 -3.22
N GLN H 14 -38.50 9.50 -2.90
CA GLN H 14 -38.54 9.03 -1.51
C GLN H 14 -37.14 8.69 -1.02
N GLY H 15 -36.36 7.98 -1.84
CA GLY H 15 -34.99 7.61 -1.49
C GLY H 15 -34.12 8.81 -1.17
N TYR H 16 -34.20 9.86 -2.01
CA TYR H 16 -33.44 11.10 -1.75
C TYR H 16 -33.92 11.80 -0.50
N THR H 17 -35.24 11.92 -0.36
CA THR H 17 -35.83 12.54 0.81
C THR H 17 -35.40 11.83 2.10
N VAL H 18 -35.52 10.50 2.13
CA VAL H 18 -35.07 9.69 3.26
C VAL H 18 -33.62 10.03 3.66
N GLU H 19 -32.74 10.14 2.68
CA GLU H 19 -31.32 10.42 2.93
C GLU H 19 -31.05 11.83 3.42
N VAL H 20 -31.90 12.77 3.02
CA VAL H 20 -31.78 14.15 3.48
C VAL H 20 -32.09 14.20 4.97
N LEU H 21 -33.09 13.43 5.38
CA LEU H 21 -33.46 13.31 6.80
C LEU H 21 -32.36 12.63 7.64
N ARG H 22 -31.87 11.49 7.17
CA ARG H 22 -30.78 10.80 7.86
C ARG H 22 -29.55 11.67 8.05
N GLN H 23 -29.08 12.29 6.97
CA GLN H 23 -27.78 12.95 6.97
C GLN H 23 -27.83 14.48 7.11
N GLN H 24 -29.04 15.05 7.03
CA GLN H 24 -29.25 16.50 7.25
C GLN H 24 -28.15 17.39 6.67
N PRO H 25 -27.92 17.32 5.34
CA PRO H 25 -26.88 18.12 4.72
C PRO H 25 -27.22 19.61 4.67
N PRO H 26 -26.18 20.46 4.61
CA PRO H 26 -26.37 21.92 4.56
C PRO H 26 -26.78 22.44 3.16
N ASP H 27 -26.47 21.68 2.11
CA ASP H 27 -26.71 22.09 0.72
C ASP H 27 -27.42 20.96 -0.02
N LEU H 28 -28.72 21.13 -0.19
CA LEU H 28 -29.59 20.11 -0.77
C LEU H 28 -29.30 19.81 -2.23
N VAL H 29 -28.78 20.79 -2.93
CA VAL H 29 -28.43 20.65 -4.31
C VAL H 29 -27.14 19.88 -4.52
N GLU H 30 -26.13 20.16 -3.73
CA GLU H 30 -24.96 19.36 -3.75
C GLU H 30 -25.16 17.94 -3.25
N PHE H 31 -26.02 17.76 -2.30
CA PHE H 31 -26.32 16.47 -1.82
C PHE H 31 -27.09 15.68 -2.82
N ALA H 32 -27.89 16.34 -3.63
CA ALA H 32 -28.62 15.67 -4.71
C ALA H 32 -27.65 15.16 -5.76
N VAL H 33 -26.73 16.03 -6.19
CA VAL H 33 -25.70 15.62 -7.16
C VAL H 33 -24.96 14.39 -6.67
N GLU H 34 -24.52 14.42 -5.41
CA GLU H 34 -23.81 13.27 -4.82
C GLU H 34 -24.73 12.06 -4.68
N TYR H 35 -25.95 12.26 -4.20
CA TYR H 35 -26.83 11.12 -3.92
C TYR H 35 -27.09 10.30 -5.18
N PHE H 36 -27.48 10.97 -6.26
CA PHE H 36 -27.84 10.28 -7.51
C PHE H 36 -26.62 9.77 -8.29
N THR H 37 -25.48 10.44 -8.14
CA THR H 37 -24.23 9.91 -8.68
C THR H 37 -23.91 8.58 -8.00
N ARG H 38 -24.00 8.51 -6.66
CA ARG H 38 -23.81 7.26 -5.93
C ARG H 38 -24.72 6.15 -6.47
N LEU H 39 -25.99 6.47 -6.69
CA LEU H 39 -26.95 5.52 -7.28
C LEU H 39 -26.51 5.02 -8.66
N ARG H 40 -26.12 5.95 -9.53
CA ARG H 40 -25.66 5.63 -10.90
C ARG H 40 -24.47 4.69 -10.85
N GLU H 41 -23.56 5.01 -9.93
CA GLU H 41 -22.24 4.40 -9.85
C GLU H 41 -22.22 3.17 -8.94
N ALA H 42 -23.34 2.89 -8.26
CA ALA H 42 -23.43 1.78 -7.30
C ALA H 42 -23.68 0.43 -7.97
N ARG H 43 -24.43 0.41 -9.06
CA ARG H 43 -24.70 -0.84 -9.80
C ARG H 43 -23.43 -1.36 -10.49
N PRO I 6 28.01 5.17 0.41
CA PRO I 6 29.06 4.38 -0.22
C PRO I 6 30.07 3.83 0.79
N PRO I 7 29.65 2.84 1.59
CA PRO I 7 30.66 1.97 2.16
C PRO I 7 31.37 1.31 0.99
N GLY I 8 32.68 1.18 1.10
CA GLY I 8 33.49 0.75 -0.03
C GLY I 8 32.99 -0.49 -0.71
N LEU I 9 33.36 -0.62 -1.98
CA LEU I 9 33.15 -1.85 -2.73
C LEU I 9 33.73 -3.03 -1.94
N THR I 10 34.96 -2.86 -1.47
CA THR I 10 35.67 -3.95 -0.80
C THR I 10 35.10 -4.25 0.58
N GLU I 11 34.67 -3.22 1.29
CA GLU I 11 33.98 -3.37 2.59
C GLU I 11 32.74 -4.25 2.41
N LEU I 12 31.99 -3.92 1.37
CA LEU I 12 30.76 -4.62 1.03
C LEU I 12 31.01 -6.08 0.71
N LEU I 13 31.99 -6.32 -0.18
CA LEU I 13 32.37 -7.67 -0.56
C LEU I 13 33.09 -8.45 0.54
N GLN I 14 33.79 -7.74 1.43
CA GLN I 14 34.37 -8.37 2.63
C GLN I 14 33.30 -8.98 3.54
N GLY I 15 32.22 -8.23 3.78
CA GLY I 15 31.14 -8.70 4.66
C GLY I 15 30.42 -9.93 4.13
N TYR I 16 30.11 -9.90 2.83
CA TYR I 16 29.49 -11.04 2.14
C TYR I 16 30.41 -12.25 2.19
N THR I 17 31.68 -12.05 1.86
CA THR I 17 32.67 -13.15 1.84
C THR I 17 32.88 -13.79 3.22
N VAL I 18 32.99 -12.98 4.27
CA VAL I 18 33.15 -13.49 5.64
C VAL I 18 32.00 -14.44 6.00
N GLU I 19 30.77 -14.06 5.66
CA GLU I 19 29.60 -14.88 5.96
C GLU I 19 29.52 -16.12 5.09
N VAL I 20 29.98 -16.00 3.85
CA VAL I 20 30.09 -17.15 2.95
C VAL I 20 31.05 -18.18 3.55
N LEU I 21 32.14 -17.70 4.16
CA LEU I 21 33.10 -18.59 4.79
C LEU I 21 32.56 -19.16 6.09
N ARG I 22 31.97 -18.30 6.92
CA ARG I 22 31.40 -18.74 8.19
C ARG I 22 30.32 -19.80 8.00
N GLN I 23 29.34 -19.50 7.17
CA GLN I 23 28.13 -20.32 7.06
C GLN I 23 28.23 -21.45 6.05
N GLN I 24 29.12 -21.32 5.07
CA GLN I 24 29.31 -22.34 4.05
C GLN I 24 27.98 -22.73 3.39
N PRO I 25 27.38 -21.78 2.65
CA PRO I 25 26.13 -22.07 1.95
C PRO I 25 26.41 -22.95 0.73
N PRO I 26 25.42 -23.77 0.31
CA PRO I 26 25.57 -24.64 -0.84
C PRO I 26 25.36 -23.94 -2.18
N ASP I 27 24.86 -22.71 -2.13
CA ASP I 27 24.62 -21.91 -3.33
C ASP I 27 25.08 -20.49 -3.04
N LEU I 28 26.14 -20.05 -3.72
CA LEU I 28 26.73 -18.74 -3.49
C LEU I 28 25.86 -17.63 -4.07
N VAL I 29 25.31 -17.84 -5.24
CA VAL I 29 24.63 -16.81 -5.97
C VAL I 29 23.38 -16.44 -5.24
N GLU I 30 22.75 -17.42 -4.66
CA GLU I 30 21.53 -17.19 -4.04
C GLU I 30 21.70 -16.83 -2.60
N PHE I 31 22.78 -17.22 -2.00
CA PHE I 31 23.15 -16.65 -0.75
C PHE I 31 23.43 -15.18 -0.91
N ALA I 32 24.02 -14.77 -1.99
CA ALA I 32 24.35 -13.37 -2.28
C ALA I 32 23.09 -12.49 -2.39
N VAL I 33 22.11 -12.96 -3.15
CA VAL I 33 20.81 -12.29 -3.25
C VAL I 33 20.25 -12.00 -1.85
N GLU I 34 20.22 -13.03 -1.01
CA GLU I 34 19.69 -12.90 0.34
C GLU I 34 20.52 -11.93 1.18
N TYR I 35 21.85 -12.09 1.14
CA TYR I 35 22.75 -11.25 1.90
C TYR I 35 22.58 -9.77 1.55
N PHE I 36 22.60 -9.45 0.26
CA PHE I 36 22.53 -8.05 -0.19
C PHE I 36 21.11 -7.49 -0.11
N THR I 37 20.11 -8.36 -0.21
CA THR I 37 18.71 -7.98 0.07
C THR I 37 18.55 -7.59 1.54
N ARG I 38 19.20 -8.32 2.44
CA ARG I 38 19.15 -7.97 3.87
C ARG I 38 19.78 -6.60 4.14
N LEU I 39 20.87 -6.29 3.44
CA LEU I 39 21.53 -4.97 3.54
C LEU I 39 20.66 -3.83 3.03
N ARG I 40 19.88 -4.09 1.99
CA ARG I 40 18.97 -3.11 1.41
C ARG I 40 17.79 -2.81 2.32
N GLU I 41 17.34 -3.82 3.05
CA GLU I 41 16.14 -3.72 3.87
C GLU I 41 16.44 -3.27 5.31
N ALA I 42 17.62 -3.61 5.81
CA ALA I 42 18.05 -3.18 7.14
C ALA I 42 18.03 -1.67 7.22
N ARG I 43 18.60 -1.06 6.18
CA ARG I 43 18.61 0.38 5.97
C ARG I 43 17.23 1.00 6.13
N ILE J 3 40.40 -23.31 6.65
CA ILE J 3 38.94 -23.30 6.32
C ILE J 3 38.71 -23.39 4.82
N GLN J 4 37.59 -23.98 4.42
CA GLN J 4 37.34 -24.34 3.02
C GLN J 4 36.81 -23.17 2.18
N ILE J 5 37.09 -23.23 0.88
CA ILE J 5 36.73 -22.16 -0.05
C ILE J 5 35.81 -22.72 -1.13
N PRO J 6 34.53 -22.33 -1.12
CA PRO J 6 33.59 -22.85 -2.13
C PRO J 6 34.04 -22.55 -3.56
N PRO J 7 33.96 -23.54 -4.46
CA PRO J 7 34.26 -23.29 -5.87
C PRO J 7 33.45 -22.12 -6.42
N GLY J 8 34.06 -21.29 -7.26
CA GLY J 8 33.35 -20.22 -7.95
C GLY J 8 33.21 -18.91 -7.20
N LEU J 9 33.79 -18.82 -6.00
CA LEU J 9 33.66 -17.62 -5.19
C LEU J 9 34.45 -16.46 -5.75
N THR J 10 35.67 -16.72 -6.20
CA THR J 10 36.50 -15.70 -6.83
C THR J 10 35.84 -15.19 -8.11
N GLU J 11 35.44 -16.11 -8.97
CA GLU J 11 34.79 -15.76 -10.23
C GLU J 11 33.54 -14.91 -10.00
N LEU J 12 32.80 -15.22 -8.93
CA LEU J 12 31.56 -14.50 -8.62
C LEU J 12 31.84 -13.08 -8.18
N LEU J 13 32.79 -12.92 -7.25
CA LEU J 13 33.21 -11.61 -6.78
C LEU J 13 33.83 -10.80 -7.90
N GLN J 14 34.58 -11.49 -8.77
CA GLN J 14 35.22 -10.84 -9.90
C GLN J 14 34.18 -10.31 -10.88
N GLY J 15 33.22 -11.17 -11.24
CA GLY J 15 32.15 -10.80 -12.19
C GLY J 15 31.30 -9.62 -11.70
N TYR J 16 31.02 -9.59 -10.41
CA TYR J 16 30.33 -8.44 -9.83
C TYR J 16 31.17 -7.19 -10.03
N THR J 17 32.45 -7.28 -9.65
CA THR J 17 33.36 -6.14 -9.65
C THR J 17 33.58 -5.57 -11.05
N VAL J 18 33.72 -6.43 -12.05
CA VAL J 18 33.88 -5.96 -13.43
C VAL J 18 32.67 -5.16 -13.88
N GLU J 19 31.48 -5.67 -13.60
CA GLU J 19 30.25 -4.98 -13.96
C GLU J 19 30.12 -3.64 -13.26
N VAL J 20 30.59 -3.57 -12.02
CA VAL J 20 30.58 -2.31 -11.28
C VAL J 20 31.42 -1.26 -11.99
N LEU J 21 32.55 -1.67 -12.58
CA LEU J 21 33.44 -0.77 -13.29
C LEU J 21 32.86 -0.27 -14.62
N ARG J 22 32.15 -1.14 -15.34
CA ARG J 22 31.54 -0.76 -16.63
C ARG J 22 30.37 0.18 -16.43
N GLN J 23 29.46 -0.21 -15.53
CA GLN J 23 28.16 0.45 -15.41
C GLN J 23 28.12 1.50 -14.32
N GLN J 24 29.15 1.52 -13.46
CA GLN J 24 29.30 2.50 -12.38
C GLN J 24 27.96 2.90 -11.76
N PRO J 25 27.25 1.93 -11.15
CA PRO J 25 25.98 2.24 -10.51
C PRO J 25 26.16 3.15 -9.29
N PRO J 26 25.15 3.98 -9.00
CA PRO J 26 25.27 4.85 -7.81
C PRO J 26 25.15 4.08 -6.49
N ASP J 27 24.38 3.00 -6.52
CA ASP J 27 24.13 2.22 -5.32
C ASP J 27 24.68 0.81 -5.53
N LEU J 28 25.70 0.47 -4.80
CA LEU J 28 26.29 -0.84 -4.90
C LEU J 28 25.40 -1.97 -4.40
N VAL J 29 24.60 -1.72 -3.39
CA VAL J 29 23.71 -2.69 -2.88
C VAL J 29 22.57 -3.00 -3.83
N GLU J 30 21.88 -2.00 -4.25
CA GLU J 30 20.86 -2.16 -5.21
C GLU J 30 21.38 -2.93 -6.38
N PHE J 31 22.57 -2.61 -6.82
CA PHE J 31 23.20 -3.23 -7.97
C PHE J 31 23.57 -4.70 -7.77
N ALA J 32 24.06 -5.01 -6.59
CA ALA J 32 24.34 -6.40 -6.19
C ALA J 32 23.11 -7.30 -6.24
N VAL J 33 21.99 -6.83 -5.69
CA VAL J 33 20.76 -7.64 -5.72
C VAL J 33 20.39 -7.95 -7.16
N GLU J 34 20.43 -6.94 -8.02
CA GLU J 34 20.01 -7.08 -9.41
C GLU J 34 20.96 -8.01 -10.16
N TYR J 35 22.26 -7.80 -9.97
CA TYR J 35 23.28 -8.60 -10.64
C TYR J 35 23.15 -10.10 -10.29
N PHE J 36 23.12 -10.40 -9.00
CA PHE J 36 23.03 -11.79 -8.54
C PHE J 36 21.68 -12.43 -8.84
N THR J 37 20.61 -11.64 -8.85
CA THR J 37 19.31 -12.12 -9.31
C THR J 37 19.36 -12.51 -10.79
N ARG J 38 19.97 -11.66 -11.62
CA ARG J 38 20.15 -12.01 -13.03
C ARG J 38 20.93 -13.32 -13.19
N LEU J 39 21.93 -13.56 -12.35
CA LEU J 39 22.68 -14.83 -12.38
C LEU J 39 21.85 -16.03 -11.90
N ARG J 40 20.98 -15.80 -10.92
CA ARG J 40 20.04 -16.82 -10.49
C ARG J 40 19.00 -17.11 -11.57
N GLU J 41 18.60 -16.07 -12.32
CA GLU J 41 17.54 -16.21 -13.33
C GLU J 41 18.09 -16.35 -14.75
N ALA J 42 19.41 -16.27 -14.92
CA ALA J 42 20.03 -16.42 -16.24
C ALA J 42 20.33 -17.88 -16.48
N ARG J 43 19.80 -18.40 -17.59
CA ARG J 43 20.04 -19.79 -17.99
C ARG J 43 19.38 -20.12 -19.32
N PRO K 6 -1.17 20.91 24.55
CA PRO K 6 -0.49 19.62 24.69
C PRO K 6 0.49 19.36 23.56
N PRO K 7 1.66 18.77 23.87
CA PRO K 7 2.55 18.33 22.82
C PRO K 7 1.90 17.20 22.05
N GLY K 8 2.24 17.07 20.77
CA GLY K 8 1.54 16.16 19.91
C GLY K 8 1.74 14.69 20.23
N LEU K 9 0.85 13.89 19.66
CA LEU K 9 1.01 12.44 19.62
C LEU K 9 2.41 12.03 19.17
N THR K 10 2.82 12.54 18.02
CA THR K 10 4.08 12.12 17.38
C THR K 10 5.31 12.47 18.22
N GLU K 11 5.33 13.67 18.78
CA GLU K 11 6.41 14.11 19.68
C GLU K 11 6.51 13.16 20.87
N LEU K 12 5.36 12.92 21.48
CA LEU K 12 5.23 12.02 22.62
C LEU K 12 5.75 10.62 22.31
N LEU K 13 5.24 10.04 21.23
CA LEU K 13 5.63 8.68 20.85
C LEU K 13 7.10 8.57 20.49
N GLN K 14 7.67 9.64 19.94
CA GLN K 14 9.08 9.68 19.56
C GLN K 14 9.99 9.64 20.78
N GLY K 15 9.58 10.33 21.84
CA GLY K 15 10.37 10.41 23.08
C GLY K 15 10.51 9.05 23.71
N TYR K 16 9.38 8.38 23.89
CA TYR K 16 9.36 7.00 24.34
C TYR K 16 10.24 6.16 23.43
N THR K 17 9.99 6.25 22.14
CA THR K 17 10.69 5.43 21.13
C THR K 17 12.21 5.64 21.16
N VAL K 18 12.63 6.88 21.38
CA VAL K 18 14.07 7.21 21.51
C VAL K 18 14.73 6.50 22.71
N GLU K 19 14.02 6.43 23.83
CA GLU K 19 14.58 5.82 25.03
C GLU K 19 14.52 4.30 24.99
N VAL K 20 13.58 3.75 24.20
CA VAL K 20 13.50 2.30 24.00
C VAL K 20 14.68 1.78 23.17
N LEU K 21 15.16 2.59 22.22
CA LEU K 21 16.27 2.18 21.38
C LEU K 21 17.61 2.35 22.10
N ARG K 22 17.73 3.42 22.88
CA ARG K 22 18.94 3.65 23.67
C ARG K 22 19.09 2.59 24.74
N GLN K 23 18.08 2.46 25.59
CA GLN K 23 18.17 1.63 26.79
C GLN K 23 17.81 0.17 26.55
N GLN K 24 17.21 -0.14 25.40
CA GLN K 24 16.93 -1.53 25.01
C GLN K 24 16.27 -2.35 26.13
N PRO K 25 15.08 -1.93 26.58
CA PRO K 25 14.40 -2.66 27.64
C PRO K 25 13.83 -3.99 27.15
N PRO K 26 13.90 -5.04 27.99
CA PRO K 26 13.43 -6.37 27.60
C PRO K 26 11.91 -6.51 27.46
N ASP K 27 11.15 -5.81 28.31
CA ASP K 27 9.69 -5.74 28.14
C ASP K 27 9.28 -4.30 27.87
N LEU K 28 8.77 -4.06 26.66
CA LEU K 28 8.49 -2.72 26.18
C LEU K 28 7.28 -2.11 26.89
N VAL K 29 6.37 -2.96 27.37
CA VAL K 29 5.16 -2.51 28.05
C VAL K 29 5.48 -1.84 29.39
N GLU K 30 6.23 -2.50 30.26
CA GLU K 30 6.55 -1.91 31.58
C GLU K 30 7.43 -0.68 31.46
N PHE K 31 8.28 -0.65 30.45
CA PHE K 31 9.05 0.56 30.20
C PHE K 31 8.10 1.71 29.85
N ALA K 32 7.08 1.41 29.05
CA ALA K 32 6.12 2.44 28.63
C ALA K 32 5.47 3.09 29.86
N VAL K 33 4.89 2.26 30.72
CA VAL K 33 4.30 2.70 31.98
C VAL K 33 5.26 3.60 32.77
N GLU K 34 6.49 3.13 32.95
CA GLU K 34 7.52 3.90 33.66
C GLU K 34 7.83 5.21 32.95
N TYR K 35 8.00 5.13 31.63
CA TYR K 35 8.34 6.33 30.85
C TYR K 35 7.23 7.36 30.94
N PHE K 36 5.99 6.90 30.80
CA PHE K 36 4.85 7.83 30.79
C PHE K 36 4.43 8.32 32.17
N THR K 37 4.72 7.53 33.22
CA THR K 37 4.50 7.97 34.60
C THR K 37 5.49 9.07 34.98
N ARG K 38 6.76 8.88 34.64
CA ARG K 38 7.77 9.94 34.77
C ARG K 38 7.28 11.26 34.16
N LEU K 39 6.78 11.18 32.94
CA LEU K 39 6.35 12.37 32.20
C LEU K 39 5.17 13.06 32.89
N ARG K 40 4.26 12.27 33.45
CA ARG K 40 3.11 12.81 34.16
C ARG K 40 3.52 13.52 35.45
N GLU K 41 4.46 12.92 36.17
CA GLU K 41 4.90 13.43 37.47
C GLU K 41 5.91 14.56 37.34
N ALA K 42 6.66 14.57 36.23
CA ALA K 42 7.66 15.62 35.96
C ALA K 42 7.02 16.97 35.66
N ARG K 43 5.77 16.93 35.25
CA ARG K 43 4.95 18.12 35.07
C ARG K 43 4.86 18.96 36.34
N SER L 1 27.43 1.24 13.51
CA SER L 1 26.06 1.73 13.78
C SER L 1 25.01 0.81 13.14
N HIS L 2 24.69 -0.28 13.85
CA HIS L 2 23.59 -1.17 13.47
C HIS L 2 22.67 -1.38 14.67
N ILE L 3 21.74 -0.45 14.86
CA ILE L 3 20.84 -0.49 16.02
C ILE L 3 19.77 -1.55 15.82
N GLN L 4 19.52 -2.33 16.86
CA GLN L 4 18.47 -3.34 16.82
C GLN L 4 17.14 -2.72 17.20
N ILE L 5 16.08 -3.32 16.68
CA ILE L 5 14.73 -2.89 16.94
C ILE L 5 14.04 -4.04 17.70
N PRO L 6 13.62 -3.78 18.95
CA PRO L 6 12.97 -4.85 19.72
C PRO L 6 11.69 -5.33 19.06
N PRO L 7 11.39 -6.65 19.14
CA PRO L 7 10.12 -7.16 18.62
C PRO L 7 8.93 -6.47 19.27
N GLY L 8 7.84 -6.34 18.53
CA GLY L 8 6.59 -5.81 19.08
C GLY L 8 6.56 -4.33 19.36
N LEU L 9 7.48 -3.56 18.77
CA LEU L 9 7.51 -2.10 18.99
C LEU L 9 6.55 -1.35 18.06
N THR L 10 6.56 -1.73 16.78
CA THR L 10 5.60 -1.17 15.82
C THR L 10 4.18 -1.48 16.28
N GLU L 11 3.97 -2.73 16.65
CA GLU L 11 2.67 -3.20 17.08
C GLU L 11 2.18 -2.43 18.31
N LEU L 12 3.10 -2.15 19.24
CA LEU L 12 2.78 -1.46 20.49
C LEU L 12 2.33 -0.03 20.23
N LEU L 13 3.12 0.70 19.44
CA LEU L 13 2.83 2.10 19.12
C LEU L 13 1.51 2.23 18.36
N GLN L 14 1.25 1.27 17.47
CA GLN L 14 0.03 1.27 16.65
C GLN L 14 -1.20 1.06 17.51
N GLY L 15 -1.11 0.12 18.44
CA GLY L 15 -2.21 -0.18 19.33
C GLY L 15 -2.59 1.05 20.12
N TYR L 16 -1.59 1.73 20.67
CA TYR L 16 -1.83 2.95 21.45
C TYR L 16 -2.46 4.00 20.56
N THR L 17 -1.85 4.24 19.40
CA THR L 17 -2.36 5.22 18.44
C THR L 17 -3.81 4.95 18.02
N VAL L 18 -4.14 3.69 17.77
CA VAL L 18 -5.51 3.31 17.36
C VAL L 18 -6.48 3.70 18.45
N GLU L 19 -6.17 3.34 19.69
CA GLU L 19 -7.03 3.68 20.83
C GLU L 19 -7.18 5.19 21.04
N VAL L 20 -6.13 5.95 20.77
CA VAL L 20 -6.19 7.41 20.85
C VAL L 20 -7.15 7.96 19.79
N LEU L 21 -7.21 7.29 18.64
CA LEU L 21 -8.12 7.70 17.55
C LEU L 21 -9.57 7.34 17.87
N ARG L 22 -9.77 6.20 18.53
CA ARG L 22 -11.10 5.78 18.97
C ARG L 22 -11.60 6.69 20.09
N GLN L 23 -10.90 6.69 21.22
CA GLN L 23 -11.39 7.29 22.46
C GLN L 23 -11.14 8.79 22.58
N GLN L 24 -10.19 9.32 21.81
CA GLN L 24 -9.89 10.75 21.77
C GLN L 24 -9.72 11.35 23.18
N PRO L 25 -8.76 10.84 23.95
CA PRO L 25 -8.61 11.28 25.33
C PRO L 25 -8.13 12.74 25.45
N PRO L 26 -8.60 13.46 26.49
CA PRO L 26 -8.15 14.84 26.70
C PRO L 26 -6.68 14.93 27.07
N ASP L 27 -6.15 13.89 27.70
CA ASP L 27 -4.76 13.82 28.15
C ASP L 27 -4.10 12.57 27.59
N LEU L 28 -3.13 12.75 26.70
CA LEU L 28 -2.43 11.65 26.03
C LEU L 28 -1.43 10.97 26.96
N VAL L 29 -0.76 11.74 27.78
CA VAL L 29 0.14 11.22 28.76
C VAL L 29 -0.57 10.34 29.78
N GLU L 30 -1.71 10.76 30.28
CA GLU L 30 -2.47 9.95 31.17
C GLU L 30 -3.15 8.76 30.54
N PHE L 31 -3.48 8.83 29.28
CA PHE L 31 -4.05 7.71 28.63
C PHE L 31 -2.99 6.63 28.43
N ALA L 32 -1.78 7.03 28.17
CA ALA L 32 -0.72 6.07 27.95
C ALA L 32 -0.45 5.23 29.21
N VAL L 33 -0.34 5.87 30.36
CA VAL L 33 -0.15 5.15 31.61
C VAL L 33 -1.25 4.10 31.76
N GLU L 34 -2.48 4.49 31.51
CA GLU L 34 -3.65 3.63 31.71
C GLU L 34 -3.73 2.51 30.68
N TYR L 35 -3.50 2.87 29.42
CA TYR L 35 -3.50 1.90 28.32
C TYR L 35 -2.39 0.86 28.49
N PHE L 36 -1.19 1.32 28.84
CA PHE L 36 -0.03 0.44 29.01
C PHE L 36 -0.03 -0.34 30.33
N THR L 37 -0.68 0.20 31.36
CA THR L 37 -0.95 -0.55 32.59
C THR L 37 -1.96 -1.67 32.30
N ARG L 38 -2.98 -1.37 31.50
CA ARG L 38 -3.95 -2.39 31.09
C ARG L 38 -3.27 -3.56 30.38
N LEU L 39 -2.37 -3.25 29.44
CA LEU L 39 -1.60 -4.28 28.72
C LEU L 39 -0.75 -5.09 29.68
N ARG L 40 -0.08 -4.38 30.58
CA ARG L 40 0.76 -5.03 31.58
C ARG L 40 -0.07 -5.98 32.44
N GLU L 41 -1.20 -5.50 32.94
CA GLU L 41 -2.00 -6.25 33.91
C GLU L 41 -3.06 -7.16 33.30
N ALA L 42 -3.19 -7.18 31.97
CA ALA L 42 -4.14 -8.06 31.29
C ALA L 42 -3.47 -9.38 30.94
N ARG L 43 -4.18 -10.49 31.10
CA ARG L 43 -3.67 -11.81 30.71
C ARG L 43 -4.78 -12.62 30.03
N ASP M 7 17.28 11.12 -27.69
CA ASP M 7 16.69 11.00 -26.33
C ASP M 7 15.31 11.64 -26.24
N ALA M 8 15.13 12.76 -26.93
CA ALA M 8 13.80 13.37 -27.09
C ALA M 8 12.93 12.50 -28.01
N GLU M 9 13.51 12.00 -29.09
CA GLU M 9 12.82 11.07 -29.99
C GLU M 9 12.58 9.71 -29.32
N LEU M 10 13.41 9.38 -28.35
CA LEU M 10 13.27 8.13 -27.60
C LEU M 10 12.07 8.23 -26.66
N VAL M 11 11.92 9.36 -25.98
CA VAL M 11 10.77 9.60 -25.10
C VAL M 11 9.46 9.66 -25.88
N ARG M 12 9.50 10.20 -27.11
CA ARG M 12 8.29 10.27 -27.95
C ARG M 12 7.91 8.89 -28.47
N LEU M 13 8.91 8.08 -28.82
CA LEU M 13 8.67 6.73 -29.32
C LEU M 13 8.00 5.88 -28.24
N SER M 14 8.57 5.89 -27.04
CA SER M 14 8.04 5.15 -25.90
C SER M 14 6.60 5.54 -25.58
N LYS M 15 6.31 6.83 -25.69
CA LYS M 15 4.96 7.34 -25.49
C LYS M 15 3.95 6.68 -26.45
N ARG M 16 4.34 6.47 -27.70
CA ARG M 16 3.46 5.84 -28.70
C ARG M 16 3.24 4.35 -28.40
N LEU M 17 4.34 3.66 -28.10
CA LEU M 17 4.28 2.22 -27.85
C LEU M 17 3.36 1.91 -26.69
N VAL M 18 3.51 2.69 -25.61
CA VAL M 18 2.64 2.58 -24.45
C VAL M 18 1.20 2.88 -24.87
N GLU M 19 0.99 4.07 -25.44
CA GLU M 19 -0.33 4.45 -25.96
C GLU M 19 -0.96 3.34 -26.80
N ASN M 20 -0.16 2.72 -27.66
CA ASN M 20 -0.66 1.59 -28.44
C ASN M 20 -0.99 0.36 -27.60
N ALA M 21 -0.11 0.02 -26.66
CA ALA M 21 -0.31 -1.14 -25.79
C ALA M 21 -1.53 -0.98 -24.88
N VAL M 22 -1.67 0.19 -24.29
CA VAL M 22 -2.84 0.49 -23.45
C VAL M 22 -4.13 0.46 -24.30
N LEU M 23 -4.12 1.15 -25.43
CA LEU M 23 -5.28 1.16 -26.34
C LEU M 23 -5.78 -0.25 -26.64
N LYS M 24 -4.85 -1.15 -26.95
CA LYS M 24 -5.18 -2.55 -27.24
C LYS M 24 -5.56 -3.34 -25.99
N ALA M 25 -5.02 -2.94 -24.84
CA ALA M 25 -5.35 -3.59 -23.58
C ALA M 25 -6.80 -3.29 -23.20
N VAL M 26 -7.23 -2.05 -23.44
CA VAL M 26 -8.63 -1.66 -23.25
C VAL M 26 -9.55 -2.42 -24.20
N GLN M 27 -9.19 -2.41 -25.49
CA GLN M 27 -9.96 -3.12 -26.51
C GLN M 27 -10.11 -4.60 -26.14
N GLN M 28 -9.01 -5.23 -25.73
CA GLN M 28 -9.02 -6.63 -25.34
C GLN M 28 -9.94 -6.92 -24.16
N TYR M 29 -9.91 -6.06 -23.13
CA TYR M 29 -10.70 -6.27 -21.90
C TYR M 29 -12.19 -6.09 -22.14
N LEU M 30 -12.55 -5.12 -22.98
CA LEU M 30 -13.96 -4.92 -23.37
C LEU M 30 -14.49 -6.12 -24.15
N GLU M 31 -13.72 -6.56 -25.15
CA GLU M 31 -14.10 -7.71 -25.99
C GLU M 31 -13.88 -9.07 -25.28
N GLU M 32 -13.44 -9.03 -24.04
CA GLU M 32 -13.23 -10.24 -23.22
C GLU M 32 -14.35 -10.42 -22.20
N THR M 33 -14.85 -9.31 -21.65
CA THR M 33 -15.93 -9.33 -20.67
C THR M 33 -17.25 -9.72 -21.32
N GLN M 34 -17.62 -9.01 -22.38
CA GLN M 34 -18.88 -9.25 -23.08
C GLN M 34 -18.85 -10.53 -23.91
N ASP N 6 16.63 -34.96 17.48
CA ASP N 6 16.51 -33.49 17.70
C ASP N 6 15.70 -32.82 16.60
N ASP N 7 15.87 -33.28 15.36
CA ASP N 7 15.02 -32.84 14.27
C ASP N 7 13.61 -33.44 14.38
N ALA N 8 13.50 -34.56 15.10
CA ALA N 8 12.21 -35.15 15.42
C ALA N 8 11.44 -34.24 16.41
N GLU N 9 12.17 -33.63 17.33
CA GLU N 9 11.58 -32.69 18.28
C GLU N 9 11.14 -31.41 17.55
N LEU N 10 11.94 -30.98 16.58
CA LEU N 10 11.61 -29.83 15.73
C LEU N 10 10.40 -30.04 14.83
N VAL N 11 10.29 -31.23 14.25
CA VAL N 11 9.18 -31.55 13.36
C VAL N 11 7.88 -31.59 14.14
N ARG N 12 7.89 -32.30 15.27
CA ARG N 12 6.69 -32.44 16.09
C ARG N 12 6.19 -31.09 16.56
N LEU N 13 7.10 -30.29 17.10
CA LEU N 13 6.78 -28.97 17.59
C LEU N 13 6.25 -28.07 16.46
N SER N 14 6.94 -28.09 15.33
CA SER N 14 6.54 -27.31 14.16
C SER N 14 5.14 -27.66 13.70
N LYS N 15 4.81 -28.95 13.72
CA LYS N 15 3.47 -29.43 13.40
C LYS N 15 2.41 -28.81 14.33
N ARG N 16 2.71 -28.71 15.62
CA ARG N 16 1.74 -28.15 16.58
C ARG N 16 1.49 -26.66 16.33
N LEU N 17 2.58 -25.93 16.13
CA LEU N 17 2.48 -24.49 15.87
C LEU N 17 1.67 -24.23 14.60
N VAL N 18 2.06 -24.87 13.51
CA VAL N 18 1.33 -24.76 12.24
C VAL N 18 -0.14 -25.14 12.42
N GLU N 19 -0.37 -26.29 13.06
CA GLU N 19 -1.72 -26.79 13.32
C GLU N 19 -2.57 -25.72 14.02
N ASN N 20 -2.04 -25.15 15.08
CA ASN N 20 -2.78 -24.16 15.88
C ASN N 20 -3.06 -22.85 15.13
N ALA N 21 -2.07 -22.38 14.37
CA ALA N 21 -2.20 -21.11 13.66
C ALA N 21 -3.27 -21.17 12.59
N VAL N 22 -3.38 -22.33 11.94
CA VAL N 22 -4.38 -22.55 10.87
C VAL N 22 -5.81 -22.54 11.42
N LEU N 23 -5.98 -22.94 12.68
CA LEU N 23 -7.31 -23.00 13.30
C LEU N 23 -7.75 -21.59 13.66
N LYS N 24 -6.85 -20.87 14.30
CA LYS N 24 -7.06 -19.45 14.59
C LYS N 24 -7.40 -18.68 13.32
N ALA N 25 -6.76 -19.04 12.21
CA ALA N 25 -7.03 -18.44 10.89
C ALA N 25 -8.43 -18.75 10.38
N VAL N 26 -8.82 -20.02 10.42
CA VAL N 26 -10.17 -20.44 10.04
C VAL N 26 -11.22 -19.73 10.91
N GLN N 27 -11.02 -19.76 12.21
CA GLN N 27 -11.90 -19.04 13.12
C GLN N 27 -12.05 -17.57 12.71
N GLN N 28 -10.94 -16.90 12.45
CA GLN N 28 -10.96 -15.48 12.05
C GLN N 28 -11.54 -15.30 10.65
N TYR N 29 -11.32 -16.27 9.77
CA TYR N 29 -11.90 -16.23 8.44
C TYR N 29 -13.43 -16.17 8.51
N LEU N 30 -14.03 -17.03 9.32
CA LEU N 30 -15.49 -17.16 9.44
C LEU N 30 -16.14 -16.02 10.20
N GLU N 31 -15.50 -15.59 11.29
CA GLU N 31 -16.00 -14.46 12.07
C GLU N 31 -16.08 -13.22 11.20
N GLU N 32 -14.99 -12.93 10.49
CA GLU N 32 -14.90 -11.75 9.62
C GLU N 32 -15.89 -11.82 8.45
N THR N 33 -16.56 -12.97 8.33
CA THR N 33 -17.77 -13.08 7.52
C THR N 33 -18.95 -13.32 8.44
N ASP O 6 14.13 11.51 -12.09
CA ASP O 6 13.71 10.09 -12.29
C ASP O 6 12.33 9.84 -11.70
N ASP O 7 11.67 8.77 -12.15
CA ASP O 7 10.37 8.38 -11.61
C ASP O 7 10.49 8.02 -10.11
N ALA O 8 11.57 7.32 -9.74
CA ALA O 8 11.82 6.95 -8.35
C ALA O 8 11.93 8.15 -7.43
N GLU O 9 12.42 9.27 -7.95
CA GLU O 9 12.45 10.50 -7.17
C GLU O 9 11.03 11.02 -6.97
N LEU O 10 10.18 10.88 -7.98
CA LEU O 10 8.76 11.26 -7.86
C LEU O 10 8.01 10.41 -6.82
N VAL O 11 8.26 9.10 -6.86
CA VAL O 11 7.72 8.16 -5.88
C VAL O 11 8.25 8.47 -4.48
N ARG O 12 9.56 8.72 -4.40
CA ARG O 12 10.21 9.10 -3.16
C ARG O 12 9.58 10.35 -2.56
N LEU O 13 9.34 11.36 -3.38
CA LEU O 13 8.77 12.62 -2.91
C LEU O 13 7.29 12.48 -2.53
N SER O 14 6.51 11.85 -3.41
CA SER O 14 5.08 11.64 -3.16
C SER O 14 4.82 10.93 -1.81
N LYS O 15 5.70 10.02 -1.42
CA LYS O 15 5.51 9.26 -0.20
C LYS O 15 5.94 10.03 1.05
N ARG O 16 6.96 10.88 0.94
CA ARG O 16 7.31 11.82 2.03
C ARG O 16 6.23 12.88 2.24
N LEU O 17 5.68 13.39 1.14
CA LEU O 17 4.61 14.39 1.23
C LEU O 17 3.33 13.81 1.82
N VAL O 18 2.98 12.59 1.40
CA VAL O 18 1.78 11.93 1.91
C VAL O 18 1.96 11.54 3.35
N GLU O 19 3.07 10.88 3.67
CA GLU O 19 3.41 10.54 5.05
C GLU O 19 3.21 11.76 5.95
N ASN O 20 3.79 12.89 5.54
CA ASN O 20 3.73 14.12 6.33
C ASN O 20 2.34 14.75 6.47
N ALA O 21 1.60 14.85 5.37
CA ALA O 21 0.27 15.44 5.37
C ALA O 21 -0.71 14.60 6.19
N VAL O 22 -0.47 13.29 6.26
CA VAL O 22 -1.29 12.41 7.09
C VAL O 22 -1.00 12.63 8.57
N LEU O 23 0.27 12.82 8.93
CA LEU O 23 0.64 13.09 10.32
C LEU O 23 0.04 14.39 10.82
N LYS O 24 0.25 15.47 10.09
CA LYS O 24 -0.38 16.76 10.43
C LYS O 24 -1.89 16.66 10.50
N ALA O 25 -2.49 15.83 9.65
CA ALA O 25 -3.94 15.62 9.68
C ALA O 25 -4.37 14.97 11.00
N VAL O 26 -3.60 13.98 11.42
CA VAL O 26 -3.87 13.26 12.67
C VAL O 26 -3.76 14.20 13.88
N GLN O 27 -2.75 15.05 13.89
CA GLN O 27 -2.55 16.02 14.98
C GLN O 27 -3.68 17.05 15.06
N GLN O 28 -4.13 17.53 13.92
CA GLN O 28 -5.23 18.50 13.83
C GLN O 28 -6.55 17.89 14.29
N TYR O 29 -6.85 16.69 13.80
CA TYR O 29 -8.07 15.97 14.17
C TYR O 29 -8.18 15.69 15.67
N LEU O 30 -7.07 15.34 16.30
CA LEU O 30 -7.05 15.06 17.73
C LEU O 30 -7.23 16.33 18.56
N GLU O 31 -6.71 17.46 18.05
CA GLU O 31 -6.85 18.75 18.75
C GLU O 31 -8.28 19.32 18.78
N GLU O 32 -9.20 18.76 18.01
CA GLU O 32 -10.56 19.30 17.88
C GLU O 32 -11.58 18.55 18.74
N GLU P 9 -52.47 18.98 -16.60
CA GLU P 9 -51.38 19.94 -16.24
C GLU P 9 -50.28 19.25 -15.43
N LEU P 10 -49.08 19.23 -15.99
CA LEU P 10 -47.95 18.50 -15.40
C LEU P 10 -47.60 18.97 -13.98
N VAL P 11 -47.52 20.29 -13.80
CA VAL P 11 -47.15 20.90 -12.52
C VAL P 11 -47.97 20.33 -11.37
N ARG P 12 -49.30 20.26 -11.55
CA ARG P 12 -50.21 19.92 -10.45
C ARG P 12 -50.29 18.44 -10.07
N LEU P 13 -49.48 17.58 -10.69
CA LEU P 13 -49.27 16.21 -10.18
C LEU P 13 -47.85 16.00 -9.67
N SER P 14 -46.88 16.69 -10.27
CA SER P 14 -45.53 16.73 -9.72
C SER P 14 -45.61 16.97 -8.23
N LYS P 15 -46.40 17.99 -7.86
CA LYS P 15 -46.68 18.30 -6.45
C LYS P 15 -47.19 17.07 -5.72
N ARG P 16 -48.23 16.43 -6.27
CA ARG P 16 -48.80 15.20 -5.69
C ARG P 16 -47.75 14.12 -5.47
N LEU P 17 -47.00 13.82 -6.53
CA LEU P 17 -46.00 12.75 -6.49
C LEU P 17 -44.93 13.07 -5.46
N VAL P 18 -44.47 14.32 -5.46
CA VAL P 18 -43.51 14.80 -4.47
C VAL P 18 -44.12 14.73 -3.07
N GLU P 19 -45.34 15.24 -2.92
CA GLU P 19 -46.05 15.17 -1.64
C GLU P 19 -46.13 13.73 -1.14
N ASN P 20 -46.58 12.81 -2.00
CA ASN P 20 -46.64 11.39 -1.65
C ASN P 20 -45.31 10.83 -1.16
N ALA P 21 -44.28 11.03 -1.97
CA ALA P 21 -42.98 10.45 -1.71
C ALA P 21 -42.33 11.03 -0.46
N VAL P 22 -42.59 12.32 -0.22
CA VAL P 22 -42.09 12.99 0.97
C VAL P 22 -42.79 12.47 2.23
N LEU P 23 -44.11 12.27 2.15
CA LEU P 23 -44.85 11.68 3.27
C LEU P 23 -44.24 10.34 3.63
N LYS P 24 -44.14 9.47 2.63
CA LYS P 24 -43.56 8.14 2.83
C LYS P 24 -42.15 8.20 3.42
N ALA P 25 -41.37 9.17 2.96
CA ALA P 25 -40.00 9.35 3.42
C ALA P 25 -39.97 9.74 4.91
N VAL P 26 -40.96 10.51 5.33
CA VAL P 26 -41.10 10.89 6.75
C VAL P 26 -41.57 9.67 7.56
N GLN P 27 -42.50 8.89 7.00
CA GLN P 27 -42.98 7.69 7.67
C GLN P 27 -41.81 6.74 7.89
N GLN P 28 -41.00 6.57 6.84
CA GLN P 28 -39.89 5.64 6.87
C GLN P 28 -38.82 6.05 7.89
N TYR P 29 -38.51 7.35 7.93
CA TYR P 29 -37.51 7.86 8.87
C TYR P 29 -37.99 7.78 10.32
N LEU P 30 -39.30 7.96 10.52
CA LEU P 30 -39.94 7.77 11.81
C LEU P 30 -39.80 6.32 12.27
N GLU P 31 -40.18 5.39 11.38
CA GLU P 31 -40.23 3.96 11.72
C GLU P 31 -38.86 3.26 11.75
N GLU P 32 -37.80 3.98 11.41
CA GLU P 32 -36.45 3.43 11.48
C GLU P 32 -35.66 3.98 12.67
N THR P 33 -36.12 5.10 13.22
CA THR P 33 -35.67 5.60 14.51
C THR P 33 -36.42 4.87 15.63
N GLN P 34 -37.69 4.57 15.40
CA GLN P 34 -38.55 3.90 16.39
C GLN P 34 -38.29 2.39 16.50
N ASN P 35 -37.74 1.79 15.44
CA ASN P 35 -37.34 0.37 15.49
C ASN P 35 -35.97 0.20 16.17
N LYS P 36 -35.13 1.24 16.08
CA LYS P 36 -33.85 1.27 16.79
C LYS P 36 -34.04 1.08 18.30
N ASN P 37 -35.02 1.78 18.85
CA ASN P 37 -35.32 1.69 20.29
C ASN P 37 -36.01 0.38 20.65
N LYS P 38 -36.93 -0.06 19.78
CA LYS P 38 -37.83 -1.16 20.10
C LYS P 38 -38.36 -1.82 18.81
N ASP Q 6 38.12 -19.61 13.82
CA ASP Q 6 38.42 -18.27 14.40
C ASP Q 6 38.05 -17.15 13.43
N ASP Q 7 37.16 -16.25 13.86
CA ASP Q 7 36.72 -15.11 13.05
C ASP Q 7 37.88 -14.26 12.54
N ALA Q 8 38.93 -14.11 13.35
CA ALA Q 8 40.11 -13.32 12.97
C ALA Q 8 40.80 -13.89 11.74
N GLU Q 9 40.92 -15.22 11.67
CA GLU Q 9 41.54 -15.89 10.53
C GLU Q 9 40.59 -15.96 9.33
N LEU Q 10 39.28 -16.09 9.59
CA LEU Q 10 38.25 -15.95 8.56
C LEU Q 10 38.32 -14.59 7.86
N VAL Q 11 38.46 -13.54 8.68
CA VAL Q 11 38.53 -12.17 8.18
C VAL Q 11 39.75 -11.98 7.26
N ARG Q 12 40.85 -12.65 7.57
CA ARG Q 12 42.08 -12.53 6.78
C ARG Q 12 41.96 -13.15 5.39
N LEU Q 13 41.30 -14.30 5.30
CA LEU Q 13 41.16 -15.01 4.03
C LEU Q 13 40.15 -14.31 3.14
N SER Q 14 39.02 -13.91 3.72
CA SER Q 14 37.99 -13.16 3.00
C SER Q 14 38.57 -11.88 2.44
N LYS Q 15 39.37 -11.21 3.26
CA LYS Q 15 40.08 -9.98 2.85
C LYS Q 15 40.97 -10.27 1.64
N ARG Q 16 41.71 -11.37 1.69
CA ARG Q 16 42.67 -11.69 0.65
C ARG Q 16 41.96 -12.15 -0.63
N LEU Q 17 40.91 -12.96 -0.47
CA LEU Q 17 40.12 -13.43 -1.61
C LEU Q 17 39.38 -12.28 -2.30
N VAL Q 18 38.93 -11.31 -1.49
CA VAL Q 18 38.23 -10.16 -2.03
C VAL Q 18 39.19 -9.31 -2.85
N GLU Q 19 40.31 -8.90 -2.26
CA GLU Q 19 41.25 -8.02 -2.94
C GLU Q 19 41.87 -8.65 -4.20
N ASN Q 20 41.96 -9.97 -4.22
CA ASN Q 20 42.45 -10.71 -5.39
C ASN Q 20 41.44 -10.69 -6.54
N ALA Q 21 40.15 -10.75 -6.20
CA ALA Q 21 39.08 -10.68 -7.18
C ALA Q 21 39.03 -9.31 -7.86
N VAL Q 22 39.18 -8.25 -7.06
CA VAL Q 22 39.15 -6.88 -7.57
C VAL Q 22 40.33 -6.61 -8.50
N LEU Q 23 41.50 -7.16 -8.18
CA LEU Q 23 42.70 -7.01 -9.02
C LEU Q 23 42.56 -7.68 -10.39
N LYS Q 24 42.04 -8.92 -10.40
CA LYS Q 24 41.72 -9.61 -11.64
C LYS Q 24 40.60 -8.92 -12.39
N ALA Q 25 39.66 -8.32 -11.65
CA ALA Q 25 38.52 -7.63 -12.27
C ALA Q 25 38.99 -6.36 -12.99
N VAL Q 26 39.79 -5.56 -12.30
CA VAL Q 26 40.43 -4.37 -12.89
C VAL Q 26 41.20 -4.77 -14.15
N GLN Q 27 41.97 -5.85 -14.05
CA GLN Q 27 42.69 -6.38 -15.20
C GLN Q 27 41.77 -6.62 -16.40
N GLN Q 28 40.68 -7.36 -16.18
CA GLN Q 28 39.76 -7.73 -17.24
C GLN Q 28 39.06 -6.50 -17.81
N TYR Q 29 38.68 -5.57 -16.94
CA TYR Q 29 38.03 -4.34 -17.37
C TYR Q 29 38.92 -3.55 -18.30
N LEU Q 30 40.19 -3.46 -17.95
CA LEU Q 30 41.16 -2.69 -18.72
C LEU Q 30 41.44 -3.30 -20.09
N GLU Q 31 41.60 -4.61 -20.12
CA GLU Q 31 41.82 -5.33 -21.38
C GLU Q 31 40.66 -5.15 -22.36
N GLU Q 32 39.46 -4.94 -21.82
CA GLU Q 32 38.28 -4.62 -22.62
C GLU Q 32 38.19 -3.12 -22.86
N ASP R 6 25.78 6.22 16.75
CA ASP R 6 25.28 7.44 16.06
C ASP R 6 23.88 7.82 16.60
N ASP R 7 23.87 8.65 17.64
CA ASP R 7 22.62 9.12 18.26
C ASP R 7 21.72 9.84 17.24
N ALA R 8 22.32 10.66 16.39
CA ALA R 8 21.59 11.36 15.33
C ALA R 8 20.69 10.42 14.53
N GLU R 9 21.22 9.25 14.19
CA GLU R 9 20.47 8.22 13.47
C GLU R 9 19.36 7.62 14.33
N LEU R 10 19.65 7.38 15.60
CA LEU R 10 18.67 6.80 16.53
C LEU R 10 17.42 7.69 16.63
N VAL R 11 17.64 9.00 16.65
CA VAL R 11 16.53 9.96 16.62
C VAL R 11 15.80 9.87 15.28
N ARG R 12 16.56 9.85 14.18
CA ARG R 12 15.98 9.76 12.85
C ARG R 12 15.22 8.46 12.65
N LEU R 13 15.71 7.38 13.25
CA LEU R 13 15.07 6.07 13.19
C LEU R 13 13.77 6.00 14.03
N SER R 14 13.74 6.72 15.15
CA SER R 14 12.53 6.72 15.98
C SER R 14 11.39 7.41 15.26
N LYS R 15 11.70 8.52 14.62
CA LYS R 15 10.75 9.23 13.78
C LYS R 15 10.10 8.30 12.76
N ARG R 16 10.92 7.53 12.05
CA ARG R 16 10.41 6.67 10.99
C ARG R 16 9.51 5.56 11.55
N LEU R 17 9.97 4.91 12.62
CA LEU R 17 9.21 3.87 13.31
C LEU R 17 7.90 4.39 13.87
N VAL R 18 7.94 5.61 14.41
CA VAL R 18 6.76 6.24 14.99
C VAL R 18 5.76 6.61 13.90
N GLU R 19 6.26 7.29 12.86
CA GLU R 19 5.40 7.71 11.76
C GLU R 19 4.76 6.52 11.06
N ASN R 20 5.54 5.47 10.83
CA ASN R 20 5.04 4.27 10.15
C ASN R 20 3.98 3.52 10.96
N ALA R 21 4.10 3.58 12.28
CA ALA R 21 3.16 2.92 13.17
C ALA R 21 1.86 3.71 13.24
N VAL R 22 1.97 5.04 13.24
CA VAL R 22 0.81 5.92 13.23
C VAL R 22 0.03 5.83 11.91
N LEU R 23 0.73 5.62 10.79
CA LEU R 23 0.05 5.46 9.50
C LEU R 23 -0.73 4.14 9.46
N LYS R 24 -0.11 3.07 9.92
CA LYS R 24 -0.81 1.80 10.05
C LYS R 24 -2.03 1.92 10.96
N ALA R 25 -1.90 2.67 12.07
CA ALA R 25 -3.03 2.89 12.99
C ALA R 25 -4.16 3.59 12.27
N VAL R 26 -3.83 4.71 11.63
CA VAL R 26 -4.80 5.48 10.85
C VAL R 26 -5.59 4.56 9.94
N GLN R 27 -4.87 3.69 9.23
CA GLN R 27 -5.48 2.73 8.32
C GLN R 27 -6.44 1.78 9.06
N GLN R 28 -5.98 1.22 10.18
CA GLN R 28 -6.79 0.34 11.00
C GLN R 28 -8.01 1.06 11.57
N TYR R 29 -7.85 2.33 11.93
CA TYR R 29 -8.98 3.13 12.38
C TYR R 29 -10.06 3.20 11.28
N LEU R 30 -9.63 3.48 10.05
CA LEU R 30 -10.57 3.62 8.93
C LEU R 30 -11.20 2.28 8.54
N GLU R 31 -10.39 1.23 8.42
CA GLU R 31 -10.95 -0.10 8.18
C GLU R 31 -11.99 -0.48 9.25
N GLU R 32 -11.76 -0.08 10.51
CA GLU R 32 -12.69 -0.32 11.61
C GLU R 32 -13.25 0.98 12.18
CD CD S . 12.33 -2.89 0.71
CD CD T . 13.43 -17.81 -10.75
CD CD U . -18.88 24.31 -11.04
CD CD V . -19.46 5.78 -13.84
#